data_4GPN
#
_entry.id   4GPN
#
_cell.length_a   58.220
_cell.length_b   91.796
_cell.length_c   94.225
_cell.angle_alpha   90.00
_cell.angle_beta   102.23
_cell.angle_gamma   90.00
#
_symmetry.space_group_name_H-M   'P 1 21 1'
#
loop_
_entity.id
_entity.type
_entity.pdbx_description
1 polymer 6-phospho-beta-D-Glucosidase
2 branched 6-O-phosphono-beta-D-glucopyranose-(1-6)-beta-D-glucopyranose
3 non-polymer 2-AMINO-2-HYDROXYMETHYL-PROPANE-1,3-DIOL
4 non-polymer GLYCEROL
5 water water
#
_entity_poly.entity_id   1
_entity_poly.type   'polypeptide(L)'
_entity_poly.pdbx_seq_one_letter_code
;SNAMSKLPENFLWGGAVAAHQLEGGWQEGGKGISVADVMTAGRHGVAREITAGVLEGKYYPNHEAIDFYHHYKEDVKLFA
EMGFKCFRTSIAWTRIFPKGDEAEPNEAGLQFYDDLFDECLKYGIEPVVTLSHFELPYHLVTEYGGFTNRKVIDFFVHFA
EVCFRRYKDKVKYWMTFNEINNQANYQEDFAPFTNSGIVYKEGDDREAIMYQAAHYELVASARAVKIGHAINPNLNIGCM
VAMCPIYPATCNPKDILMAQKAMQKRYYFADVHVHGFYPEHIFKYWERKAIKVDFTERDKKDLFEGTVDYIGFSYYMSFV
IDAHRENNPYYDYLETEDLVKNPYVKASDWDWQIDPQGLRYALNWFTDMYHLPLFIVQNGFGAIDQVEADGMVHDDYRID
YLGAHIKEMIKAVDEDGVELMGYTPWGCIDLVSAGTGEMRKRYGFIYVDKDDEGKGTLKRSPKLSFNWYKEVIASNGDDI
;
_entity_poly.pdbx_strand_id   A,B
#
loop_
_chem_comp.id
_chem_comp.type
_chem_comp.name
_chem_comp.formula
BG6 D-saccharide, beta linking 6-O-phosphono-beta-D-glucopyranose 'C6 H13 O9 P'
BGC D-saccharide, beta linking beta-D-glucopyranose 'C6 H12 O6'
GOL non-polymer GLYCEROL 'C3 H8 O3'
TRS non-polymer 2-AMINO-2-HYDROXYMETHYL-PROPANE-1,3-DIOL 'C4 H12 N O3 1'
#
# COMPACT_ATOMS: atom_id res chain seq x y z
N ALA A 3 1.41 -9.51 -34.27
CA ALA A 3 2.36 -9.97 -33.26
C ALA A 3 2.88 -8.82 -32.40
N MET A 4 2.23 -8.60 -31.26
CA MET A 4 2.50 -7.44 -30.42
C MET A 4 3.60 -7.63 -29.39
N SER A 5 4.20 -6.51 -28.98
CA SER A 5 5.23 -6.52 -27.94
C SER A 5 4.63 -6.62 -26.54
N LYS A 6 5.49 -6.91 -25.57
CA LYS A 6 5.04 -7.01 -24.19
C LYS A 6 4.74 -5.62 -23.64
N LEU A 7 5.46 -4.63 -24.18
CA LEU A 7 5.25 -3.21 -23.86
C LEU A 7 4.37 -2.52 -24.92
N PRO A 8 3.66 -1.44 -24.51
CA PRO A 8 2.78 -0.68 -25.40
C PRO A 8 3.59 -0.11 -26.55
N GLU A 9 2.95 0.12 -27.69
CA GLU A 9 3.64 0.58 -28.89
C GLU A 9 4.21 1.99 -28.79
N ASN A 10 3.59 2.80 -27.96
CA ASN A 10 3.97 4.20 -27.81
C ASN A 10 4.79 4.43 -26.54
N PHE A 11 5.33 3.33 -26.02
CA PHE A 11 6.20 3.39 -24.85
C PHE A 11 7.24 4.48 -25.01
N LEU A 12 7.40 5.32 -24.00
CA LEU A 12 8.30 6.46 -24.10
C LEU A 12 9.72 6.14 -23.66
N TRP A 13 10.49 5.59 -24.59
CA TRP A 13 11.90 5.40 -24.36
C TRP A 13 12.58 6.73 -24.59
N GLY A 14 13.54 7.07 -23.73
CA GLY A 14 14.30 8.29 -23.90
C GLY A 14 15.57 8.26 -23.06
N GLY A 15 16.16 9.43 -22.79
CA GLY A 15 17.28 9.52 -21.87
C GLY A 15 17.13 10.77 -21.00
N ALA A 16 17.68 10.77 -19.79
CA ALA A 16 17.43 11.87 -18.85
C ALA A 16 18.69 12.62 -18.43
N VAL A 17 18.53 13.91 -18.13
CA VAL A 17 19.58 14.73 -17.55
C VAL A 17 18.93 15.87 -16.75
N ALA A 18 19.76 16.76 -16.20
CA ALA A 18 19.29 17.98 -15.52
C ALA A 18 20.15 19.15 -15.99
N ALA A 19 19.51 20.31 -16.19
CA ALA A 19 20.20 21.50 -16.74
C ALA A 19 21.60 21.78 -16.19
N HIS A 20 21.76 21.73 -14.87
CA HIS A 20 22.99 22.17 -14.22
C HIS A 20 24.15 21.16 -14.29
N GLN A 21 23.86 19.96 -14.76
CA GLN A 21 24.89 18.93 -14.84
C GLN A 21 25.50 18.77 -16.23
N LEU A 22 24.88 19.36 -17.26
CA LEU A 22 25.43 19.26 -18.63
C LEU A 22 25.59 20.60 -19.38
N GLU A 23 24.74 21.58 -19.05
CA GLU A 23 24.59 22.83 -19.83
C GLU A 23 25.81 23.73 -19.90
N GLY A 24 26.36 24.10 -18.75
CA GLY A 24 27.39 25.13 -18.72
C GLY A 24 26.72 26.46 -19.00
N GLY A 25 27.44 27.36 -19.66
CA GLY A 25 26.97 28.72 -19.91
C GLY A 25 26.30 29.34 -18.69
N TRP A 26 26.94 29.15 -17.53
CA TRP A 26 26.35 29.49 -16.23
C TRP A 26 26.26 30.99 -15.97
N GLN A 27 26.61 31.80 -16.96
CA GLN A 27 26.48 33.24 -16.90
C GLN A 27 25.93 33.78 -18.20
N GLU A 28 25.79 32.89 -19.19
CA GLU A 28 25.26 33.27 -20.49
C GLU A 28 23.80 33.70 -20.39
N GLY A 29 23.45 34.71 -21.19
CA GLY A 29 22.09 35.20 -21.24
C GLY A 29 21.59 35.74 -19.90
N GLY A 30 22.51 36.27 -19.10
CA GLY A 30 22.19 36.82 -17.79
C GLY A 30 21.74 35.79 -16.75
N LYS A 31 21.99 34.51 -17.01
CA LYS A 31 21.64 33.48 -16.04
C LYS A 31 22.24 33.80 -14.67
N GLY A 32 21.41 33.68 -13.64
CA GLY A 32 21.85 33.97 -12.28
C GLY A 32 22.60 32.82 -11.66
N ILE A 33 23.24 33.10 -10.52
CA ILE A 33 23.91 32.05 -9.75
C ILE A 33 22.88 31.16 -9.07
N SER A 34 22.99 29.85 -9.32
CA SER A 34 22.09 28.90 -8.70
C SER A 34 22.83 28.22 -7.55
N VAL A 35 22.13 27.39 -6.80
CA VAL A 35 22.77 26.69 -5.68
C VAL A 35 23.91 25.80 -6.14
N ALA A 36 23.76 25.16 -7.30
CA ALA A 36 24.80 24.26 -7.83
C ALA A 36 26.07 25.00 -8.25
N ASP A 37 25.98 26.32 -8.44
CA ASP A 37 27.11 27.09 -8.94
C ASP A 37 28.06 27.41 -7.82
N VAL A 38 27.63 27.11 -6.59
CA VAL A 38 28.49 27.32 -5.42
C VAL A 38 28.84 25.99 -4.78
N MET A 39 28.64 24.90 -5.50
CA MET A 39 29.05 23.58 -5.02
C MET A 39 30.34 23.08 -5.69
N THR A 40 31.38 22.88 -4.89
CA THR A 40 32.68 22.43 -5.41
C THR A 40 32.64 20.95 -5.76
N ALA A 41 33.71 20.50 -6.40
CA ALA A 41 33.87 19.11 -6.80
C ALA A 41 34.31 18.21 -5.64
N GLY A 42 33.82 16.97 -5.62
CA GLY A 42 34.22 16.00 -4.61
C GLY A 42 34.67 14.64 -5.13
N ARG A 43 34.47 13.61 -4.31
CA ARG A 43 34.87 12.24 -4.62
C ARG A 43 34.13 11.24 -3.72
N HIS A 44 34.19 9.96 -4.06
CA HIS A 44 33.57 8.91 -3.24
C HIS A 44 34.17 8.88 -1.82
N GLY A 45 33.37 9.33 -0.85
CA GLY A 45 33.82 9.42 0.52
C GLY A 45 34.07 10.85 0.94
N VAL A 46 34.27 11.74 -0.04
CA VAL A 46 34.52 13.15 0.24
C VAL A 46 33.40 14.04 -0.28
N ALA A 47 32.74 14.73 0.64
CA ALA A 47 31.63 15.59 0.30
C ALA A 47 32.07 16.76 -0.59
N ARG A 48 31.15 17.21 -1.44
CA ARG A 48 31.33 18.48 -2.13
C ARG A 48 31.20 19.60 -1.10
N GLU A 49 31.91 20.70 -1.33
CA GLU A 49 31.83 21.82 -0.42
C GLU A 49 30.78 22.85 -0.88
N ILE A 50 29.90 23.22 0.04
CA ILE A 50 28.89 24.26 -0.24
C ILE A 50 29.42 25.62 0.19
N THR A 51 29.96 26.38 -0.76
CA THR A 51 30.59 27.65 -0.43
C THR A 51 29.56 28.76 -0.39
N ALA A 52 29.87 29.80 0.38
CA ALA A 52 28.99 30.98 0.50
C ALA A 52 29.35 32.01 -0.56
N GLY A 53 28.70 31.91 -1.72
CA GLY A 53 29.12 32.68 -2.88
C GLY A 53 30.19 31.94 -3.66
N VAL A 54 30.39 32.33 -4.92
CA VAL A 54 31.43 31.73 -5.77
C VAL A 54 32.80 32.21 -5.32
N LEU A 55 33.63 31.27 -4.90
CA LEU A 55 34.89 31.59 -4.22
C LEU A 55 36.13 31.28 -5.03
N GLU A 56 36.94 32.32 -5.26
CA GLU A 56 38.20 32.16 -5.94
C GLU A 56 38.98 30.99 -5.34
N GLY A 57 39.69 30.25 -6.18
CA GLY A 57 40.53 29.15 -5.73
C GLY A 57 39.77 27.88 -5.40
N LYS A 58 38.50 27.84 -5.78
CA LYS A 58 37.66 26.67 -5.56
C LYS A 58 37.21 26.19 -6.93
N TYR A 59 37.15 24.87 -7.15
CA TYR A 59 36.70 24.37 -8.44
C TYR A 59 35.20 24.03 -8.48
N TYR A 60 34.46 24.70 -9.34
CA TYR A 60 33.03 24.48 -9.44
C TYR A 60 32.66 23.86 -10.80
N PRO A 61 32.52 22.53 -10.83
CA PRO A 61 32.38 21.76 -12.07
C PRO A 61 31.10 22.09 -12.88
N ASN A 62 30.05 22.56 -12.23
CA ASN A 62 28.79 22.83 -12.93
C ASN A 62 28.83 24.11 -13.80
N HIS A 63 29.85 24.94 -13.58
CA HIS A 63 29.97 26.20 -14.31
C HIS A 63 30.17 26.02 -15.80
N GLU A 64 30.82 24.92 -16.19
CA GLU A 64 31.12 24.65 -17.59
C GLU A 64 30.48 23.33 -17.99
N ALA A 65 30.30 22.45 -17.01
CA ALA A 65 29.87 21.06 -17.26
C ALA A 65 30.41 20.56 -18.60
N ILE A 66 29.53 20.11 -19.48
CA ILE A 66 29.97 19.66 -20.81
C ILE A 66 29.52 20.59 -21.95
N ASP A 67 29.28 21.85 -21.61
CA ASP A 67 28.93 22.89 -22.61
C ASP A 67 27.83 22.43 -23.54
N PHE A 68 26.86 21.71 -22.98
CA PHE A 68 25.75 21.24 -23.79
C PHE A 68 24.98 22.46 -24.32
N TYR A 69 25.10 23.55 -23.58
CA TYR A 69 24.50 24.83 -23.92
C TYR A 69 24.94 25.24 -25.33
N HIS A 70 26.18 24.95 -25.70
CA HIS A 70 26.63 25.22 -27.06
C HIS A 70 26.53 24.02 -27.99
N HIS A 71 26.50 22.81 -27.41
CA HIS A 71 26.57 21.62 -28.24
C HIS A 71 25.22 20.97 -28.50
N TYR A 72 24.14 21.53 -27.92
CA TYR A 72 22.88 20.80 -27.85
C TYR A 72 22.43 20.19 -29.20
N LYS A 73 22.57 20.95 -30.28
CA LYS A 73 22.14 20.48 -31.61
C LYS A 73 22.80 19.17 -32.07
N GLU A 74 24.11 19.09 -31.96
CA GLU A 74 24.81 17.86 -32.31
C GLU A 74 24.46 16.76 -31.32
N ASP A 75 24.34 17.12 -30.04
CA ASP A 75 23.99 16.15 -29.00
C ASP A 75 22.59 15.56 -29.19
N VAL A 76 21.62 16.43 -29.46
CA VAL A 76 20.26 16.02 -29.74
C VAL A 76 20.23 15.13 -30.99
N LYS A 77 21.09 15.46 -31.94
CA LYS A 77 21.29 14.64 -33.12
C LYS A 77 21.67 13.21 -32.73
N LEU A 78 22.55 13.08 -31.75
CA LEU A 78 22.91 11.76 -31.25
C LEU A 78 21.73 11.08 -30.58
N PHE A 79 20.89 11.85 -29.89
CA PHE A 79 19.70 11.26 -29.27
C PHE A 79 18.80 10.68 -30.34
N ALA A 80 18.64 11.41 -31.43
CA ALA A 80 17.85 10.99 -32.58
C ALA A 80 18.43 9.72 -33.18
N GLU A 81 19.75 9.66 -33.26
CA GLU A 81 20.43 8.52 -33.87
C GLU A 81 20.12 7.24 -33.10
N MET A 82 20.00 7.34 -31.77
CA MET A 82 19.61 6.17 -30.97
C MET A 82 18.11 5.96 -31.03
N GLY A 83 17.39 6.99 -31.45
CA GLY A 83 15.96 6.91 -31.71
C GLY A 83 15.08 7.18 -30.50
N PHE A 84 15.50 8.14 -29.67
CA PHE A 84 14.75 8.51 -28.47
C PHE A 84 13.30 8.86 -28.82
N LYS A 85 12.33 8.37 -28.02
CA LYS A 85 10.95 8.82 -28.17
C LYS A 85 10.73 10.04 -27.30
N CYS A 86 11.54 10.17 -26.24
CA CYS A 86 11.48 11.36 -25.41
C CYS A 86 12.85 11.79 -24.92
N PHE A 87 12.95 13.03 -24.45
CA PHE A 87 14.16 13.53 -23.80
C PHE A 87 13.81 14.35 -22.57
N ARG A 88 14.32 13.95 -21.42
CA ARG A 88 14.03 14.64 -20.16
C ARG A 88 15.18 15.49 -19.69
N THR A 89 14.89 16.75 -19.41
CA THR A 89 15.84 17.66 -18.77
C THR A 89 15.04 18.57 -17.85
N SER A 90 15.71 19.56 -17.28
CA SER A 90 15.00 20.52 -16.47
C SER A 90 15.14 21.88 -17.11
N ILE A 91 14.24 22.80 -16.73
CA ILE A 91 14.47 24.18 -17.07
C ILE A 91 15.25 24.82 -15.93
N ALA A 92 16.42 25.36 -16.24
CA ALA A 92 17.23 26.02 -15.23
C ALA A 92 16.49 27.27 -14.74
N TRP A 93 15.92 27.17 -13.53
CA TRP A 93 15.23 28.29 -12.88
C TRP A 93 15.97 29.60 -13.04
N THR A 94 17.28 29.57 -12.82
CA THR A 94 18.06 30.80 -12.85
C THR A 94 18.24 31.34 -14.25
N ARG A 95 17.80 30.58 -15.26
CA ARG A 95 17.84 31.07 -16.64
C ARG A 95 16.62 31.93 -16.93
N ILE A 96 15.54 31.63 -16.22
CA ILE A 96 14.28 32.33 -16.39
C ILE A 96 14.19 33.48 -15.38
N PHE A 97 14.39 33.15 -14.11
CA PHE A 97 14.47 34.18 -13.07
C PHE A 97 15.81 34.07 -12.33
N PRO A 98 16.81 34.82 -12.79
CA PRO A 98 18.18 34.72 -12.26
C PRO A 98 18.25 34.87 -10.75
N LYS A 99 17.48 35.79 -10.17
CA LYS A 99 17.43 35.98 -8.72
C LYS A 99 16.21 35.30 -8.10
N GLY A 100 15.17 35.15 -8.92
CA GLY A 100 14.04 34.33 -8.53
C GLY A 100 12.83 35.13 -8.12
N ASP A 101 13.03 36.41 -7.83
CA ASP A 101 11.95 37.28 -7.33
C ASP A 101 11.59 38.38 -8.31
N GLU A 102 12.08 38.29 -9.53
CA GLU A 102 11.78 39.31 -10.54
C GLU A 102 10.30 39.37 -10.88
N ALA A 103 9.87 40.54 -11.34
CA ALA A 103 8.51 40.71 -11.82
C ALA A 103 8.32 40.03 -13.17
N GLU A 104 9.31 40.23 -14.05
CA GLU A 104 9.27 39.70 -15.42
C GLU A 104 10.37 38.65 -15.63
N PRO A 105 10.08 37.63 -16.45
CA PRO A 105 11.03 36.57 -16.77
C PRO A 105 12.12 37.01 -17.76
N ASN A 106 13.15 36.19 -17.89
CA ASN A 106 14.28 36.49 -18.76
C ASN A 106 14.02 35.93 -20.16
N GLU A 107 14.03 36.83 -21.14
CA GLU A 107 13.71 36.44 -22.51
C GLU A 107 14.74 35.50 -23.12
N ALA A 108 16.02 35.83 -22.97
CA ALA A 108 17.09 35.00 -23.53
C ALA A 108 17.04 33.58 -22.98
N GLY A 109 16.73 33.45 -21.69
CA GLY A 109 16.58 32.15 -21.07
C GLY A 109 15.42 31.37 -21.65
N LEU A 110 14.32 32.07 -21.87
CA LEU A 110 13.14 31.44 -22.45
C LEU A 110 13.44 30.99 -23.88
N GLN A 111 14.11 31.85 -24.63
CA GLN A 111 14.47 31.55 -26.00
C GLN A 111 15.38 30.33 -26.07
N PHE A 112 16.34 30.24 -25.15
CA PHE A 112 17.20 29.07 -25.13
C PHE A 112 16.39 27.77 -25.12
N TYR A 113 15.46 27.66 -24.18
CA TYR A 113 14.66 26.45 -24.10
C TYR A 113 13.69 26.32 -25.24
N ASP A 114 13.32 27.45 -25.85
CA ASP A 114 12.56 27.40 -27.09
C ASP A 114 13.36 26.67 -28.16
N ASP A 115 14.59 27.12 -28.37
CA ASP A 115 15.48 26.53 -29.36
C ASP A 115 15.75 25.05 -29.08
N LEU A 116 15.95 24.72 -27.80
CA LEU A 116 16.25 23.35 -27.39
C LEU A 116 15.07 22.42 -27.64
N PHE A 117 13.89 22.83 -27.19
CA PHE A 117 12.68 22.04 -27.39
C PHE A 117 12.32 21.92 -28.87
N ASP A 118 12.49 23.00 -29.62
CA ASP A 118 12.28 22.95 -31.07
C ASP A 118 13.19 21.87 -31.66
N GLU A 119 14.45 21.88 -31.27
CA GLU A 119 15.42 20.97 -31.88
C GLU A 119 15.04 19.52 -31.61
N CYS A 120 14.47 19.26 -30.43
CA CYS A 120 14.05 17.91 -30.10
C CYS A 120 12.93 17.51 -31.03
N LEU A 121 11.96 18.40 -31.17
CA LEU A 121 10.75 18.09 -31.92
C LEU A 121 11.01 17.94 -33.41
N LYS A 122 12.10 18.54 -33.89
CA LYS A 122 12.52 18.36 -35.30
C LYS A 122 12.80 16.90 -35.59
N TYR A 123 13.07 16.12 -34.55
CA TYR A 123 13.45 14.72 -34.69
C TYR A 123 12.34 13.83 -34.18
N GLY A 124 11.21 14.44 -33.81
CA GLY A 124 10.09 13.70 -33.27
C GLY A 124 10.30 13.24 -31.83
N ILE A 125 11.31 13.79 -31.16
CA ILE A 125 11.56 13.51 -29.75
C ILE A 125 10.75 14.41 -28.81
N GLU A 126 9.93 13.81 -27.96
CA GLU A 126 9.09 14.53 -27.01
C GLU A 126 9.86 14.97 -25.78
N PRO A 127 9.95 16.29 -25.54
CA PRO A 127 10.53 16.84 -24.30
C PRO A 127 9.75 16.40 -23.05
N VAL A 128 10.50 16.03 -22.01
CA VAL A 128 9.99 15.80 -20.67
C VAL A 128 10.70 16.76 -19.73
N VAL A 129 9.96 17.65 -19.10
CA VAL A 129 10.58 18.75 -18.36
C VAL A 129 10.32 18.66 -16.86
N THR A 130 11.36 18.91 -16.08
CA THR A 130 11.29 19.02 -14.62
C THR A 130 11.54 20.46 -14.25
N LEU A 131 10.66 21.05 -13.45
CA LEU A 131 10.75 22.50 -13.21
C LEU A 131 11.80 22.86 -12.19
N SER A 132 11.99 22.01 -11.18
CA SER A 132 13.01 22.24 -10.18
C SER A 132 13.87 21.01 -10.02
N HIS A 133 15.13 21.13 -10.39
CA HIS A 133 16.06 20.01 -10.30
C HIS A 133 17.39 20.44 -9.71
N PHE A 134 17.41 20.64 -8.40
CA PHE A 134 18.61 20.94 -7.61
C PHE A 134 19.36 22.20 -8.04
N GLU A 135 18.62 23.24 -8.43
CA GLU A 135 19.28 24.41 -9.03
C GLU A 135 18.56 25.73 -8.81
N LEU A 136 17.89 25.88 -7.67
CA LEU A 136 17.16 27.12 -7.48
C LEU A 136 18.12 28.29 -7.34
N PRO A 137 17.61 29.51 -7.56
CA PRO A 137 18.46 30.70 -7.47
C PRO A 137 19.10 30.83 -6.10
N TYR A 138 20.39 31.16 -6.06
CA TYR A 138 21.09 31.26 -4.79
C TYR A 138 20.68 32.55 -4.08
N HIS A 139 20.31 33.57 -4.84
CA HIS A 139 19.77 34.77 -4.24
C HIS A 139 18.62 34.41 -3.28
N LEU A 140 17.90 33.34 -3.57
CA LEU A 140 16.71 33.03 -2.77
C LEU A 140 17.12 32.37 -1.49
N VAL A 141 18.31 31.77 -1.52
CA VAL A 141 18.87 31.21 -0.32
C VAL A 141 19.29 32.34 0.63
N THR A 142 20.16 33.24 0.17
CA THR A 142 20.67 34.33 1.02
C THR A 142 19.58 35.31 1.41
N GLU A 143 18.73 35.69 0.45
CA GLU A 143 17.77 36.75 0.70
C GLU A 143 16.52 36.26 1.46
N TYR A 144 16.05 35.05 1.18
CA TYR A 144 14.81 34.58 1.79
C TYR A 144 14.97 33.37 2.71
N GLY A 145 16.05 32.60 2.52
CA GLY A 145 16.23 31.37 3.27
C GLY A 145 15.67 30.19 2.48
N GLY A 146 15.65 30.33 1.17
CA GLY A 146 15.20 29.26 0.31
C GLY A 146 13.75 28.90 0.56
N PHE A 147 13.42 27.63 0.38
CA PHE A 147 12.06 27.18 0.54
C PHE A 147 11.61 27.04 2.00
N THR A 148 12.41 27.53 2.95
CA THR A 148 11.91 27.68 4.32
C THR A 148 11.03 28.93 4.45
N ASN A 149 10.94 29.72 3.37
CA ASN A 149 10.20 30.98 3.40
C ASN A 149 8.91 30.90 2.56
N ARG A 150 7.76 31.04 3.22
CA ARG A 150 6.48 30.93 2.53
C ARG A 150 6.48 31.76 1.23
N LYS A 151 7.23 32.86 1.22
CA LYS A 151 7.27 33.78 0.09
C LYS A 151 7.78 33.13 -1.19
N VAL A 152 8.48 32.01 -1.05
CA VAL A 152 9.09 31.36 -2.20
C VAL A 152 8.09 30.48 -2.96
N ILE A 153 7.02 30.11 -2.29
CA ILE A 153 5.92 29.42 -2.98
C ILE A 153 5.52 30.25 -4.20
N ASP A 154 5.10 31.49 -3.95
CA ASP A 154 4.75 32.42 -5.00
C ASP A 154 5.82 32.49 -6.10
N PHE A 155 7.07 32.70 -5.73
CA PHE A 155 8.15 32.87 -6.69
C PHE A 155 8.22 31.66 -7.61
N PHE A 156 8.16 30.48 -7.02
CA PHE A 156 8.18 29.25 -7.80
C PHE A 156 7.00 29.10 -8.75
N VAL A 157 5.79 29.29 -8.24
CA VAL A 157 4.56 29.23 -9.04
C VAL A 157 4.56 30.23 -10.21
N HIS A 158 5.18 31.39 -10.01
CA HIS A 158 5.30 32.40 -11.08
C HIS A 158 6.19 31.83 -12.20
N PHE A 159 7.27 31.19 -11.79
CA PHE A 159 8.21 30.50 -12.65
C PHE A 159 7.53 29.35 -13.40
N ALA A 160 6.80 28.52 -12.65
CA ALA A 160 6.06 27.41 -13.26
C ALA A 160 5.09 27.94 -14.28
N GLU A 161 4.40 29.01 -13.92
CA GLU A 161 3.37 29.58 -14.79
C GLU A 161 3.94 30.07 -16.12
N VAL A 162 5.04 30.81 -16.04
CA VAL A 162 5.73 31.32 -17.23
C VAL A 162 6.12 30.20 -18.19
N CYS A 163 6.62 29.10 -17.64
CA CYS A 163 7.09 27.99 -18.45
C CYS A 163 5.91 27.26 -19.06
N PHE A 164 4.86 27.11 -18.27
CA PHE A 164 3.65 26.44 -18.73
C PHE A 164 3.12 27.23 -19.93
N ARG A 165 3.07 28.54 -19.78
CA ARG A 165 2.57 29.40 -20.84
C ARG A 165 3.43 29.24 -22.09
N ARG A 166 4.69 29.61 -21.97
CA ARG A 166 5.63 29.65 -23.08
C ARG A 166 5.63 28.37 -23.93
N TYR A 167 5.53 27.23 -23.26
CA TYR A 167 5.79 25.94 -23.90
C TYR A 167 4.57 25.03 -23.84
N LYS A 168 3.38 25.62 -23.88
CA LYS A 168 2.15 24.87 -23.66
C LYS A 168 1.83 23.92 -24.81
N ASP A 169 2.38 24.21 -25.98
CA ASP A 169 2.19 23.33 -27.12
C ASP A 169 3.46 22.55 -27.53
N LYS A 170 4.54 22.70 -26.77
CA LYS A 170 5.77 21.96 -27.05
C LYS A 170 6.05 20.80 -26.09
N VAL A 171 5.67 20.96 -24.83
CA VAL A 171 5.97 19.97 -23.79
C VAL A 171 4.69 19.34 -23.28
N LYS A 172 4.58 18.03 -23.36
CA LYS A 172 3.39 17.34 -22.89
C LYS A 172 3.62 16.74 -21.51
N TYR A 173 4.89 16.62 -21.13
CA TYR A 173 5.21 15.90 -19.91
C TYR A 173 6.03 16.76 -18.95
N TRP A 174 5.44 17.01 -17.80
CA TRP A 174 6.08 17.83 -16.80
C TRP A 174 6.10 17.15 -15.46
N MET A 175 7.01 17.62 -14.60
CA MET A 175 7.11 17.22 -13.22
C MET A 175 7.58 18.47 -12.52
N THR A 176 7.21 18.61 -11.25
CA THR A 176 7.46 19.83 -10.51
C THR A 176 8.85 19.82 -9.83
N PHE A 177 8.98 19.07 -8.74
CA PHE A 177 10.18 19.03 -7.92
C PHE A 177 10.89 17.66 -8.04
N ASN A 178 12.12 17.66 -8.56
CA ASN A 178 12.89 16.42 -8.67
C ASN A 178 13.13 15.73 -7.32
N GLU A 179 12.85 14.43 -7.26
CA GLU A 179 13.12 13.65 -6.06
C GLU A 179 12.90 14.48 -4.80
N ILE A 180 11.66 14.93 -4.63
CA ILE A 180 11.32 15.84 -3.56
C ILE A 180 11.58 15.23 -2.18
N ASN A 181 11.57 13.90 -2.11
CA ASN A 181 11.78 13.18 -0.85
C ASN A 181 13.23 12.90 -0.41
N ASN A 182 14.24 13.36 -1.15
CA ASN A 182 15.62 13.10 -0.73
C ASN A 182 15.95 13.70 0.63
N GLN A 183 15.38 14.87 0.88
CA GLN A 183 15.62 15.62 2.10
C GLN A 183 15.03 14.88 3.30
N ALA A 184 14.25 13.83 3.04
CA ALA A 184 13.90 12.92 4.13
C ALA A 184 15.18 12.54 4.87
N ASN A 185 16.29 12.55 4.14
CA ASN A 185 17.60 12.52 4.78
C ASN A 185 18.09 13.94 5.10
N TYR A 186 17.82 14.38 6.32
CA TYR A 186 18.11 15.75 6.72
C TYR A 186 19.36 15.81 7.60
N GLN A 187 19.94 14.63 7.87
CA GLN A 187 21.10 14.54 8.74
C GLN A 187 22.32 15.13 8.05
N GLU A 188 22.36 14.97 6.74
CA GLU A 188 23.43 15.49 5.90
C GLU A 188 22.94 16.74 5.19
N ASP A 189 23.88 17.55 4.75
CA ASP A 189 23.57 18.85 4.15
C ASP A 189 23.05 18.76 2.72
N PHE A 190 23.57 17.80 1.94
CA PHE A 190 23.29 17.76 0.51
C PHE A 190 21.82 17.95 0.15
N ALA A 191 20.99 16.96 0.48
CA ALA A 191 19.62 16.97 0.01
C ALA A 191 18.86 18.27 0.38
N PRO A 192 18.85 18.62 1.68
CA PRO A 192 18.18 19.85 2.15
C PRO A 192 18.63 21.11 1.42
N PHE A 193 19.89 21.15 1.01
CA PHE A 193 20.39 22.32 0.31
C PHE A 193 20.04 22.28 -1.18
N THR A 194 19.94 21.07 -1.75
CA THR A 194 19.57 20.94 -3.17
C THR A 194 18.08 20.80 -3.37
N ASN A 195 17.46 19.94 -2.58
CA ASN A 195 15.99 19.92 -2.53
C ASN A 195 15.38 21.31 -2.24
N SER A 196 15.95 22.07 -1.31
CA SER A 196 15.19 23.14 -0.67
C SER A 196 15.88 24.49 -0.40
N GLY A 197 17.17 24.59 -0.71
CA GLY A 197 17.90 25.84 -0.49
C GLY A 197 18.13 26.11 0.98
N ILE A 198 18.09 25.06 1.79
CA ILE A 198 18.29 25.18 3.23
C ILE A 198 19.77 25.26 3.59
N VAL A 199 20.16 26.32 4.28
CA VAL A 199 21.49 26.38 4.88
C VAL A 199 21.36 26.37 6.40
N TYR A 200 21.75 25.26 7.01
CA TYR A 200 21.65 25.09 8.44
C TYR A 200 22.72 25.88 9.20
N LYS A 201 22.44 26.19 10.47
CA LYS A 201 23.44 26.75 11.36
C LYS A 201 23.42 25.96 12.66
N GLU A 202 24.42 26.18 13.51
CA GLU A 202 24.42 25.51 14.81
C GLU A 202 23.14 25.82 15.57
N GLY A 203 22.50 24.78 16.09
CA GLY A 203 21.31 24.96 16.91
C GLY A 203 20.01 24.56 16.24
N ASP A 204 20.01 24.55 14.91
CA ASP A 204 18.80 24.26 14.13
C ASP A 204 18.20 22.91 14.46
N ASP A 205 16.86 22.85 14.51
CA ASP A 205 16.15 21.58 14.50
C ASP A 205 16.04 21.19 13.03
N ARG A 206 17.00 20.40 12.57
CA ARG A 206 17.18 20.13 11.14
C ARG A 206 15.94 19.47 10.59
N GLU A 207 15.42 18.53 11.36
CA GLU A 207 14.24 17.79 10.97
C GLU A 207 13.06 18.75 10.82
N ALA A 208 12.78 19.51 11.87
CA ALA A 208 11.66 20.43 11.83
C ALA A 208 11.71 21.36 10.63
N ILE A 209 12.88 21.95 10.40
CA ILE A 209 13.04 22.84 9.25
C ILE A 209 12.81 22.11 7.90
N MET A 210 13.23 20.85 7.80
CA MET A 210 13.06 20.07 6.56
C MET A 210 11.56 19.91 6.26
N TYR A 211 10.82 19.52 7.29
CA TYR A 211 9.38 19.36 7.16
C TYR A 211 8.66 20.64 6.70
N GLN A 212 9.12 21.79 7.19
CA GLN A 212 8.55 23.05 6.76
C GLN A 212 8.78 23.24 5.27
N ALA A 213 10.05 23.24 4.85
CA ALA A 213 10.37 23.48 3.43
C ALA A 213 9.62 22.49 2.53
N ALA A 214 9.56 21.23 2.94
CA ALA A 214 8.87 20.19 2.19
C ALA A 214 7.39 20.51 2.02
N HIS A 215 6.77 20.97 3.09
CA HIS A 215 5.35 21.38 3.04
C HIS A 215 5.13 22.51 2.04
N TYR A 216 5.99 23.52 2.09
CA TYR A 216 5.91 24.64 1.17
C TYR A 216 6.06 24.16 -0.28
N GLU A 217 6.94 23.19 -0.51
CA GLU A 217 7.20 22.73 -1.87
C GLU A 217 6.03 21.91 -2.34
N LEU A 218 5.45 21.14 -1.42
CA LEU A 218 4.26 20.36 -1.73
C LEU A 218 3.09 21.30 -2.08
N VAL A 219 2.94 22.40 -1.34
CA VAL A 219 1.90 23.40 -1.65
C VAL A 219 2.20 24.08 -2.98
N ALA A 220 3.47 24.46 -3.17
CA ALA A 220 3.89 25.06 -4.42
C ALA A 220 3.65 24.12 -5.59
N SER A 221 3.76 22.81 -5.33
CA SER A 221 3.60 21.82 -6.38
C SER A 221 2.13 21.73 -6.78
N ALA A 222 1.25 21.70 -5.79
CA ALA A 222 -0.19 21.62 -6.04
C ALA A 222 -0.62 22.84 -6.85
N ARG A 223 -0.12 24.00 -6.45
CA ARG A 223 -0.46 25.25 -7.14
C ARG A 223 0.03 25.23 -8.57
N ALA A 224 1.24 24.70 -8.79
CA ALA A 224 1.75 24.62 -10.15
C ALA A 224 0.89 23.65 -10.97
N VAL A 225 0.52 22.53 -10.37
CA VAL A 225 -0.32 21.59 -11.10
C VAL A 225 -1.58 22.34 -11.55
N LYS A 226 -2.16 23.13 -10.65
CA LYS A 226 -3.45 23.76 -10.94
C LYS A 226 -3.37 24.82 -12.03
N ILE A 227 -2.31 25.61 -12.02
CA ILE A 227 -2.20 26.65 -13.04
C ILE A 227 -1.77 26.05 -14.37
N GLY A 228 -0.89 25.06 -14.32
CA GLY A 228 -0.53 24.34 -15.54
C GLY A 228 -1.74 23.81 -16.28
N HIS A 229 -2.63 23.13 -15.56
CA HIS A 229 -3.82 22.56 -16.17
C HIS A 229 -4.76 23.64 -16.68
N ALA A 230 -4.82 24.76 -15.98
CA ALA A 230 -5.70 25.87 -16.41
C ALA A 230 -5.21 26.44 -17.73
N ILE A 231 -3.89 26.50 -17.90
CA ILE A 231 -3.30 26.96 -19.14
C ILE A 231 -3.51 25.98 -20.29
N ASN A 232 -3.55 24.69 -19.97
CA ASN A 232 -3.77 23.67 -20.98
C ASN A 232 -4.09 22.38 -20.28
N PRO A 233 -5.37 22.01 -20.28
CA PRO A 233 -5.81 20.85 -19.49
C PRO A 233 -5.18 19.54 -19.98
N ASN A 234 -4.56 19.55 -21.15
CA ASN A 234 -3.98 18.32 -21.70
C ASN A 234 -2.58 17.95 -21.21
N LEU A 235 -1.84 18.94 -20.70
CA LEU A 235 -0.52 18.71 -20.10
C LEU A 235 -0.56 17.58 -19.07
N ASN A 236 0.38 16.65 -19.19
CA ASN A 236 0.58 15.64 -18.14
C ASN A 236 1.57 16.18 -17.12
N ILE A 237 1.10 16.43 -15.91
CA ILE A 237 1.96 16.99 -14.86
C ILE A 237 2.05 16.00 -13.71
N GLY A 238 3.28 15.58 -13.38
CA GLY A 238 3.45 14.55 -12.38
C GLY A 238 4.33 14.98 -11.25
N CYS A 239 4.43 14.13 -10.23
CA CYS A 239 5.40 14.32 -9.16
C CYS A 239 6.65 13.51 -9.51
N MET A 240 7.70 13.69 -8.72
CA MET A 240 8.96 12.98 -8.96
C MET A 240 9.61 12.61 -7.63
N VAL A 241 9.62 11.31 -7.31
CA VAL A 241 10.25 10.86 -6.06
C VAL A 241 11.37 9.86 -6.29
N ALA A 242 12.39 9.91 -5.44
CA ALA A 242 13.42 8.86 -5.43
C ALA A 242 12.88 7.60 -4.77
N MET A 243 12.73 6.55 -5.56
CA MET A 243 12.26 5.28 -5.04
C MET A 243 13.41 4.34 -4.77
N CYS A 244 13.78 4.25 -3.49
CA CYS A 244 14.69 3.22 -3.00
C CYS A 244 13.86 2.36 -2.06
N PRO A 245 13.42 1.19 -2.53
CA PRO A 245 12.47 0.50 -1.66
C PRO A 245 13.14 0.04 -0.40
N ILE A 246 12.42 -0.04 0.70
CA ILE A 246 13.07 -0.37 1.97
C ILE A 246 12.63 -1.69 2.55
N TYR A 247 13.53 -2.67 2.49
CA TYR A 247 13.20 -4.03 2.89
C TYR A 247 13.48 -4.22 4.37
N PRO A 248 12.61 -4.96 5.06
CA PRO A 248 12.98 -5.46 6.39
C PRO A 248 14.06 -6.52 6.26
N ALA A 249 15.02 -6.47 7.17
CA ALA A 249 16.07 -7.48 7.25
C ALA A 249 15.52 -8.91 7.36
N THR A 250 14.57 -9.10 8.26
CA THR A 250 13.99 -10.42 8.47
C THR A 250 12.52 -10.30 8.83
N CYS A 251 11.87 -11.44 9.00
CA CYS A 251 10.47 -11.48 9.36
C CYS A 251 10.24 -11.20 10.87
N ASN A 252 11.29 -10.76 11.56
CA ASN A 252 11.11 -10.26 12.92
C ASN A 252 10.07 -9.12 12.85
N PRO A 253 8.96 -9.26 13.60
CA PRO A 253 7.89 -8.25 13.51
C PRO A 253 8.41 -6.82 13.71
N LYS A 254 9.44 -6.66 14.53
CA LYS A 254 10.04 -5.36 14.80
C LYS A 254 10.72 -4.81 13.56
N ASP A 255 11.30 -5.70 12.76
CA ASP A 255 11.93 -5.33 11.50
C ASP A 255 10.86 -4.97 10.50
N ILE A 256 9.84 -5.82 10.40
CA ILE A 256 8.70 -5.54 9.53
C ILE A 256 8.16 -4.14 9.77
N LEU A 257 8.05 -3.77 11.03
CA LEU A 257 7.44 -2.51 11.40
C LEU A 257 8.37 -1.34 11.15
N MET A 258 9.66 -1.55 11.37
CA MET A 258 10.64 -0.53 10.97
C MET A 258 10.58 -0.26 9.46
N ALA A 259 10.40 -1.30 8.66
CA ALA A 259 10.31 -1.12 7.20
C ALA A 259 9.07 -0.30 6.78
N GLN A 260 7.91 -0.69 7.28
CA GLN A 260 6.65 -0.01 6.98
C GLN A 260 6.69 1.48 7.36
N LYS A 261 7.22 1.75 8.55
CA LYS A 261 7.34 3.12 9.08
C LYS A 261 8.38 3.96 8.37
N ALA A 262 9.38 3.30 7.79
CA ALA A 262 10.41 3.99 7.02
C ALA A 262 9.85 4.42 5.68
N MET A 263 9.16 3.48 5.02
CA MET A 263 8.44 3.72 3.77
C MET A 263 7.44 4.86 3.95
N GLN A 264 6.67 4.77 5.03
CA GLN A 264 5.75 5.83 5.40
C GLN A 264 6.48 7.18 5.53
N LYS A 265 7.67 7.17 6.14
CA LYS A 265 8.40 8.41 6.33
C LYS A 265 8.96 8.94 5.03
N ARG A 266 9.43 8.04 4.17
CA ARG A 266 10.18 8.46 3.01
C ARG A 266 9.27 8.78 1.81
N TYR A 267 8.04 8.29 1.86
CA TYR A 267 7.16 8.44 0.73
C TYR A 267 5.83 9.16 0.98
N TYR A 268 5.69 9.78 2.16
CA TYR A 268 4.47 10.57 2.45
C TYR A 268 4.27 11.69 1.43
N PHE A 269 5.38 12.27 0.97
CA PHE A 269 5.42 13.14 -0.19
C PHE A 269 4.48 12.66 -1.31
N ALA A 270 4.62 11.38 -1.66
CA ALA A 270 3.77 10.79 -2.67
C ALA A 270 2.30 10.76 -2.27
N ASP A 271 2.00 10.40 -1.02
CA ASP A 271 0.59 10.37 -0.56
C ASP A 271 -0.02 11.74 -0.72
N VAL A 272 0.76 12.77 -0.44
CA VAL A 272 0.27 14.14 -0.56
C VAL A 272 0.03 14.58 -2.02
N HIS A 273 1.02 14.32 -2.88
CA HIS A 273 0.95 14.54 -4.33
C HIS A 273 -0.21 13.81 -4.95
N VAL A 274 -0.47 12.60 -4.46
CA VAL A 274 -1.44 11.71 -5.10
C VAL A 274 -2.83 11.83 -4.51
N HIS A 275 -2.89 11.81 -3.18
CA HIS A 275 -4.16 11.79 -2.46
C HIS A 275 -4.63 13.19 -2.13
N GLY A 276 -3.68 14.10 -1.95
CA GLY A 276 -4.02 15.50 -1.72
C GLY A 276 -4.21 15.87 -0.26
N PHE A 277 -3.84 14.96 0.64
CA PHE A 277 -3.77 15.29 2.04
C PHE A 277 -2.64 14.46 2.67
N TYR A 278 -2.15 14.96 3.81
CA TYR A 278 -1.19 14.23 4.62
C TYR A 278 -1.77 13.00 5.26
N PRO A 279 -0.97 11.93 5.33
CA PRO A 279 -1.29 10.80 6.19
C PRO A 279 -1.33 11.27 7.64
N GLU A 280 -2.30 10.79 8.40
CA GLU A 280 -2.36 11.12 9.81
C GLU A 280 -1.04 10.85 10.58
N HIS A 281 -0.35 9.77 10.23
CA HIS A 281 0.86 9.40 10.98
C HIS A 281 1.95 10.49 11.04
N ILE A 282 1.93 11.40 10.06
CA ILE A 282 2.84 12.54 10.02
C ILE A 282 2.44 13.54 11.10
N PHE A 283 1.15 13.82 11.18
CA PHE A 283 0.63 14.78 12.14
C PHE A 283 0.98 14.28 13.52
N LYS A 284 0.67 13.01 13.78
CA LYS A 284 1.01 12.36 15.05
C LYS A 284 2.48 12.50 15.36
N TYR A 285 3.32 12.20 14.37
CA TYR A 285 4.76 12.31 14.50
C TYR A 285 5.20 13.71 14.90
N TRP A 286 4.61 14.72 14.23
CA TRP A 286 4.90 16.12 14.49
C TRP A 286 4.60 16.56 15.93
N GLU A 287 3.56 15.98 16.53
CA GLU A 287 3.29 16.21 17.96
C GLU A 287 4.39 15.64 18.87
N ARG A 288 4.66 14.35 18.75
CA ARG A 288 5.70 13.71 19.55
CA ARG A 288 5.70 13.70 19.54
C ARG A 288 7.02 14.49 19.52
N LYS A 289 7.31 15.11 18.38
CA LYS A 289 8.56 15.82 18.18
C LYS A 289 8.44 17.31 18.47
N ALA A 290 7.21 17.76 18.73
CA ALA A 290 6.91 19.17 18.90
C ALA A 290 7.35 19.99 17.69
N ILE A 291 7.17 19.41 16.50
CA ILE A 291 7.47 20.12 15.27
C ILE A 291 6.27 20.94 14.85
N LYS A 292 6.44 22.26 14.82
CA LYS A 292 5.40 23.19 14.38
C LYS A 292 5.59 23.54 12.91
N VAL A 293 4.57 23.28 12.11
CA VAL A 293 4.65 23.55 10.68
C VAL A 293 3.64 24.62 10.33
N ASP A 294 4.08 25.64 9.63
CA ASP A 294 3.17 26.70 9.19
C ASP A 294 2.31 26.15 8.05
N PHE A 295 1.02 26.03 8.31
CA PHE A 295 0.14 25.19 7.53
C PHE A 295 -1.31 25.71 7.66
N THR A 296 -1.73 26.45 6.66
CA THR A 296 -3.02 27.13 6.62
C THR A 296 -4.09 26.27 5.95
N GLU A 297 -5.36 26.63 6.15
CA GLU A 297 -6.46 25.96 5.44
C GLU A 297 -6.32 26.17 3.93
N ARG A 298 -5.96 27.39 3.53
CA ARG A 298 -5.58 27.62 2.16
C ARG A 298 -4.63 26.54 1.63
N ASP A 299 -3.58 26.20 2.39
CA ASP A 299 -2.63 25.15 1.97
C ASP A 299 -3.37 23.82 1.82
N LYS A 300 -4.26 23.53 2.78
CA LYS A 300 -5.07 22.33 2.77
C LYS A 300 -5.84 22.22 1.46
N LYS A 301 -6.51 23.32 1.10
CA LYS A 301 -7.29 23.43 -0.12
C LYS A 301 -6.42 23.22 -1.37
N ASP A 302 -5.34 24.00 -1.48
CA ASP A 302 -4.40 23.85 -2.61
C ASP A 302 -3.95 22.39 -2.78
N LEU A 303 -3.49 21.78 -1.70
CA LEU A 303 -2.96 20.43 -1.78
C LEU A 303 -4.00 19.46 -2.31
N PHE A 304 -5.20 19.56 -1.75
CA PHE A 304 -6.28 18.66 -2.11
C PHE A 304 -6.73 18.82 -3.56
N GLU A 305 -6.47 19.98 -4.16
CA GLU A 305 -6.94 20.32 -5.51
C GLU A 305 -5.87 20.20 -6.60
N GLY A 306 -4.62 20.03 -6.21
CA GLY A 306 -3.52 19.99 -7.14
C GLY A 306 -2.78 18.67 -7.14
N THR A 307 -3.50 17.57 -6.98
CA THR A 307 -2.90 16.25 -7.08
C THR A 307 -2.43 15.98 -8.53
N VAL A 308 -1.40 15.15 -8.67
CA VAL A 308 -0.69 14.93 -9.94
C VAL A 308 -1.35 13.88 -10.83
N ASP A 309 -1.03 13.92 -12.12
CA ASP A 309 -1.54 12.96 -13.13
C ASP A 309 -0.74 11.63 -13.14
N TYR A 310 0.50 11.67 -12.70
CA TYR A 310 1.31 10.48 -12.73
C TYR A 310 2.48 10.58 -11.80
N ILE A 311 3.02 9.42 -11.44
CA ILE A 311 4.19 9.35 -10.61
C ILE A 311 5.44 9.09 -11.45
N GLY A 312 6.27 10.11 -11.57
CA GLY A 312 7.59 9.94 -12.13
C GLY A 312 8.51 9.59 -10.98
N PHE A 313 9.42 8.65 -11.18
CA PHE A 313 10.37 8.35 -10.12
C PHE A 313 11.72 7.88 -10.64
N SER A 314 12.71 7.89 -9.75
CA SER A 314 14.00 7.33 -10.07
C SER A 314 14.24 6.03 -9.28
N TYR A 315 14.95 5.10 -9.91
CA TYR A 315 15.32 3.87 -9.23
C TYR A 315 16.78 3.56 -9.51
N TYR A 316 17.50 3.24 -8.45
CA TYR A 316 18.88 2.84 -8.58
C TYR A 316 19.21 1.63 -7.73
N MET A 317 18.44 1.45 -6.65
CA MET A 317 18.79 0.47 -5.64
C MET A 317 17.69 0.25 -4.61
N SER A 318 17.84 -0.84 -3.86
CA SER A 318 17.00 -1.14 -2.71
C SER A 318 17.81 -0.93 -1.43
N PHE A 319 17.10 -0.68 -0.34
CA PHE A 319 17.72 -0.49 0.98
C PHE A 319 17.24 -1.60 1.88
N VAL A 320 17.92 -1.80 3.01
CA VAL A 320 17.41 -2.71 4.02
C VAL A 320 17.41 -2.05 5.38
N ILE A 321 16.41 -2.37 6.20
CA ILE A 321 16.36 -1.84 7.56
C ILE A 321 16.13 -2.93 8.60
N ASP A 322 16.60 -2.68 9.81
CA ASP A 322 16.25 -3.52 10.96
C ASP A 322 16.06 -2.71 12.25
N ALA A 323 15.87 -3.41 13.35
CA ALA A 323 15.57 -2.77 14.62
C ALA A 323 16.76 -2.81 15.56
N HIS A 324 17.96 -2.83 15.02
CA HIS A 324 19.16 -2.97 15.84
C HIS A 324 19.39 -1.73 16.69
N ARG A 325 18.94 -0.57 16.22
CA ARG A 325 19.19 0.68 16.94
C ARG A 325 18.40 0.81 18.26
N GLU A 326 19.11 1.15 19.32
CA GLU A 326 18.50 1.21 20.64
C GLU A 326 17.80 2.55 20.87
N ASN A 327 16.92 2.61 21.86
CA ASN A 327 16.32 3.88 22.24
C ASN A 327 15.50 4.46 21.12
N ASN A 328 14.78 3.59 20.42
CA ASN A 328 13.91 3.99 19.33
C ASN A 328 12.53 3.38 19.53
N PRO A 329 11.92 3.66 20.68
CA PRO A 329 10.70 2.96 21.05
C PRO A 329 9.54 3.35 20.16
N TYR A 330 9.64 4.49 19.47
CA TYR A 330 8.59 4.98 18.58
C TYR A 330 8.83 4.62 17.10
N TYR A 331 9.93 3.92 16.84
CA TYR A 331 10.27 3.49 15.47
C TYR A 331 10.48 4.66 14.53
N ASP A 332 11.22 5.67 15.00
CA ASP A 332 11.66 6.75 14.11
C ASP A 332 12.60 6.16 13.06
N TYR A 333 12.83 6.93 12.01
CA TYR A 333 13.61 6.48 10.88
C TYR A 333 14.79 7.41 10.63
N LEU A 334 16.00 6.91 10.90
CA LEU A 334 17.21 7.65 10.55
C LEU A 334 17.92 6.95 9.41
N GLU A 335 18.00 7.64 8.28
CA GLU A 335 18.48 7.04 7.05
C GLU A 335 19.97 6.75 7.15
N THR A 336 20.67 7.61 7.89
CA THR A 336 22.09 7.41 8.15
C THR A 336 22.40 6.43 9.29
N GLU A 337 21.39 5.78 9.87
CA GLU A 337 21.67 4.92 11.05
C GLU A 337 20.92 3.60 11.08
N ASP A 338 19.71 3.57 10.52
CA ASP A 338 18.87 2.38 10.65
C ASP A 338 19.09 1.36 9.52
N LEU A 339 19.68 1.80 8.41
CA LEU A 339 19.81 0.95 7.22
C LEU A 339 21.00 0.00 7.31
N VAL A 340 20.84 -1.20 6.79
CA VAL A 340 21.93 -2.16 6.68
C VAL A 340 22.11 -2.62 5.23
N LYS A 341 23.27 -3.18 4.94
CA LYS A 341 23.55 -3.76 3.62
C LYS A 341 22.68 -4.99 3.30
N ASN A 342 22.17 -5.07 2.07
CA ASN A 342 21.51 -6.30 1.63
C ASN A 342 22.56 -7.39 1.39
N PRO A 343 22.52 -8.47 2.18
CA PRO A 343 23.50 -9.54 2.03
C PRO A 343 23.30 -10.36 0.76
N TYR A 344 22.27 -10.07 -0.01
CA TYR A 344 21.91 -10.91 -1.15
C TYR A 344 22.27 -10.35 -2.51
N VAL A 345 22.65 -9.07 -2.56
CA VAL A 345 22.91 -8.45 -3.86
C VAL A 345 24.33 -7.95 -4.03
N LYS A 346 24.62 -7.48 -5.24
CA LYS A 346 25.91 -6.91 -5.58
C LYS A 346 25.81 -5.39 -5.60
N ALA A 347 26.93 -4.70 -5.79
CA ALA A 347 26.95 -3.24 -5.68
C ALA A 347 27.95 -2.58 -6.65
N SER A 348 27.70 -1.32 -7.00
CA SER A 348 28.63 -0.58 -7.87
C SER A 348 29.90 -0.21 -7.12
N ASP A 349 30.80 0.53 -7.77
CA ASP A 349 32.04 0.97 -7.12
C ASP A 349 31.79 2.09 -6.09
N TRP A 350 30.62 2.71 -6.19
CA TRP A 350 30.21 3.75 -5.25
C TRP A 350 29.26 3.18 -4.19
N ASP A 351 29.29 1.86 -4.06
CA ASP A 351 28.54 1.12 -3.05
C ASP A 351 27.02 1.19 -3.19
N TRP A 352 26.56 1.50 -4.39
CA TRP A 352 25.12 1.43 -4.66
C TRP A 352 24.76 -0.01 -5.00
N GLN A 353 23.79 -0.57 -4.29
CA GLN A 353 23.44 -1.97 -4.49
C GLN A 353 22.56 -2.20 -5.72
N ILE A 354 22.79 -3.33 -6.38
CA ILE A 354 22.13 -3.63 -7.64
C ILE A 354 21.03 -4.66 -7.44
N ASP A 355 19.80 -4.23 -7.61
CA ASP A 355 18.67 -5.09 -7.30
C ASP A 355 17.55 -4.81 -8.31
N PRO A 356 17.67 -5.36 -9.53
CA PRO A 356 16.66 -5.08 -10.55
C PRO A 356 15.26 -5.57 -10.14
N GLN A 357 15.18 -6.64 -9.36
CA GLN A 357 13.88 -7.14 -8.97
C GLN A 357 13.18 -6.10 -8.11
N GLY A 358 13.97 -5.24 -7.48
CA GLY A 358 13.45 -4.20 -6.61
C GLY A 358 12.70 -3.14 -7.37
N LEU A 359 13.04 -3.00 -8.65
CA LEU A 359 12.34 -2.10 -9.55
C LEU A 359 10.92 -2.61 -9.77
N ARG A 360 10.80 -3.93 -9.88
CA ARG A 360 9.50 -4.58 -10.04
C ARG A 360 8.63 -4.43 -8.77
N TYR A 361 9.24 -4.66 -7.61
CA TYR A 361 8.63 -4.35 -6.32
C TYR A 361 8.17 -2.90 -6.27
N ALA A 362 9.05 -1.98 -6.65
CA ALA A 362 8.70 -0.56 -6.65
C ALA A 362 7.44 -0.26 -7.47
N LEU A 363 7.39 -0.78 -8.70
CA LEU A 363 6.28 -0.55 -9.62
C LEU A 363 4.94 -1.06 -9.08
N ASN A 364 4.97 -2.26 -8.52
CA ASN A 364 3.80 -2.81 -7.87
C ASN A 364 3.37 -1.99 -6.65
N TRP A 365 4.34 -1.42 -5.94
CA TRP A 365 4.08 -0.68 -4.71
C TRP A 365 3.33 0.61 -5.03
N PHE A 366 3.86 1.36 -6.00
CA PHE A 366 3.19 2.53 -6.50
C PHE A 366 1.81 2.20 -7.02
N THR A 367 1.72 1.16 -7.84
CA THR A 367 0.45 0.73 -8.39
C THR A 367 -0.55 0.40 -7.30
N ASP A 368 -0.14 -0.44 -6.35
CA ASP A 368 -1.03 -0.87 -5.29
C ASP A 368 -1.52 0.31 -4.45
N MET A 369 -0.63 1.24 -4.13
CA MET A 369 -0.95 2.37 -3.27
C MET A 369 -1.79 3.45 -3.94
N TYR A 370 -1.51 3.72 -5.21
CA TYR A 370 -2.00 4.94 -5.84
C TYR A 370 -2.78 4.74 -7.13
N HIS A 371 -2.61 3.60 -7.78
CA HIS A 371 -3.32 3.36 -9.01
C HIS A 371 -3.19 4.53 -10.02
N LEU A 372 -1.98 5.04 -10.18
CA LEU A 372 -1.70 6.06 -11.19
C LEU A 372 -0.68 5.54 -12.19
N PRO A 373 -0.62 6.18 -13.36
CA PRO A 373 0.46 5.93 -14.32
C PRO A 373 1.82 6.25 -13.73
N LEU A 374 2.80 5.40 -14.01
CA LEU A 374 4.14 5.62 -13.49
C LEU A 374 5.12 5.91 -14.62
N PHE A 375 6.20 6.60 -14.31
CA PHE A 375 7.15 6.96 -15.34
C PHE A 375 8.52 6.83 -14.72
N ILE A 376 9.27 5.84 -15.21
CA ILE A 376 10.62 5.63 -14.73
C ILE A 376 11.46 6.65 -15.44
N VAL A 377 11.78 7.73 -14.74
CA VAL A 377 12.42 8.88 -15.36
C VAL A 377 13.90 9.03 -15.00
N GLN A 378 14.41 8.05 -14.27
CA GLN A 378 15.84 7.97 -13.98
C GLN A 378 16.17 6.54 -13.57
N ASN A 379 17.14 5.96 -14.28
CA ASN A 379 17.69 4.65 -13.98
C ASN A 379 19.03 4.58 -14.69
N GLY A 380 20.05 4.09 -14.01
CA GLY A 380 21.38 4.11 -14.58
C GLY A 380 22.44 3.52 -13.69
N PHE A 381 23.61 3.28 -14.30
CA PHE A 381 24.72 2.63 -13.62
C PHE A 381 26.00 3.45 -13.75
N GLY A 382 26.45 3.98 -12.61
CA GLY A 382 27.61 4.85 -12.57
C GLY A 382 28.88 4.06 -12.42
N ALA A 383 29.75 4.14 -13.42
CA ALA A 383 30.99 3.37 -13.37
C ALA A 383 32.11 4.08 -14.10
N ILE A 384 33.33 3.67 -13.77
CA ILE A 384 34.53 4.13 -14.44
C ILE A 384 34.60 3.61 -15.89
N ASP A 385 34.63 4.53 -16.86
CA ASP A 385 34.81 4.15 -18.26
C ASP A 385 36.28 4.28 -18.72
N GLN A 386 36.75 3.30 -19.50
CA GLN A 386 37.99 3.46 -20.24
C GLN A 386 37.81 3.13 -21.74
N VAL A 387 38.52 3.88 -22.58
CA VAL A 387 38.36 3.78 -24.02
C VAL A 387 39.35 2.76 -24.58
N GLU A 388 38.84 1.83 -25.39
CA GLU A 388 39.66 0.76 -25.93
C GLU A 388 40.41 1.20 -27.19
N ALA A 389 41.11 0.27 -27.82
CA ALA A 389 41.95 0.61 -28.95
C ALA A 389 41.12 0.86 -30.20
N ASP A 390 39.87 0.42 -30.17
CA ASP A 390 38.94 0.69 -31.26
C ASP A 390 38.34 2.08 -31.11
N GLY A 391 38.77 2.80 -30.08
CA GLY A 391 38.34 4.17 -29.86
C GLY A 391 36.98 4.23 -29.22
N MET A 392 36.56 3.11 -28.64
CA MET A 392 35.25 3.03 -28.03
C MET A 392 35.29 2.44 -26.62
N VAL A 393 34.41 2.95 -25.74
CA VAL A 393 34.22 2.35 -24.43
C VAL A 393 33.37 1.09 -24.53
N HIS A 394 33.93 -0.06 -24.17
CA HIS A 394 33.17 -1.30 -24.14
C HIS A 394 32.44 -1.53 -22.80
N ASP A 395 31.34 -0.80 -22.60
CA ASP A 395 30.64 -0.79 -21.31
C ASP A 395 29.60 -1.89 -21.16
N ASP A 396 30.02 -3.13 -21.31
CA ASP A 396 29.12 -4.27 -21.10
C ASP A 396 28.51 -4.22 -19.70
N TYR A 397 29.30 -3.83 -18.70
CA TYR A 397 28.77 -3.70 -17.35
C TYR A 397 27.49 -2.86 -17.36
N ARG A 398 27.52 -1.76 -18.11
CA ARG A 398 26.39 -0.83 -18.15
C ARG A 398 25.19 -1.49 -18.83
N ILE A 399 25.45 -1.98 -20.05
CA ILE A 399 24.48 -2.78 -20.79
C ILE A 399 23.81 -3.85 -19.92
N ASP A 400 24.62 -4.61 -19.17
CA ASP A 400 24.08 -5.63 -18.26
C ASP A 400 23.15 -5.05 -17.18
N TYR A 401 23.57 -3.95 -16.56
CA TYR A 401 22.78 -3.33 -15.51
C TYR A 401 21.42 -2.89 -16.01
N LEU A 402 21.44 -2.10 -17.09
CA LEU A 402 20.23 -1.57 -17.69
C LEU A 402 19.34 -2.71 -18.23
N GLY A 403 19.95 -3.60 -18.99
CA GLY A 403 19.28 -4.81 -19.43
C GLY A 403 18.49 -5.48 -18.33
N ALA A 404 19.11 -5.69 -17.16
CA ALA A 404 18.47 -6.46 -16.10
C ALA A 404 17.25 -5.71 -15.58
N HIS A 405 17.38 -4.40 -15.47
CA HIS A 405 16.28 -3.58 -14.97
C HIS A 405 15.13 -3.57 -15.94
N ILE A 406 15.44 -3.39 -17.23
CA ILE A 406 14.43 -3.41 -18.28
C ILE A 406 13.60 -4.71 -18.28
N LYS A 407 14.27 -5.84 -18.10
CA LYS A 407 13.59 -7.13 -18.00
C LYS A 407 12.54 -7.18 -16.90
N GLU A 408 12.89 -6.63 -15.74
CA GLU A 408 12.00 -6.68 -14.58
C GLU A 408 10.78 -5.81 -14.85
N MET A 409 11.03 -4.64 -15.44
CA MET A 409 9.94 -3.72 -15.69
C MET A 409 8.96 -4.30 -16.70
N ILE A 410 9.46 -5.06 -17.66
CA ILE A 410 8.59 -5.76 -18.59
C ILE A 410 7.68 -6.76 -17.86
N LYS A 411 8.23 -7.41 -16.86
CA LYS A 411 7.46 -8.36 -16.09
C LYS A 411 6.36 -7.66 -15.34
N ALA A 412 6.70 -6.51 -14.78
CA ALA A 412 5.74 -5.69 -14.04
C ALA A 412 4.54 -5.36 -14.93
N VAL A 413 4.84 -5.04 -16.19
CA VAL A 413 3.82 -4.64 -17.13
C VAL A 413 3.07 -5.86 -17.66
N ASP A 414 3.81 -6.80 -18.20
CA ASP A 414 3.21 -7.90 -18.95
C ASP A 414 2.56 -8.95 -18.05
N GLU A 415 3.03 -9.03 -16.81
CA GLU A 415 2.55 -10.02 -15.86
C GLU A 415 1.80 -9.40 -14.69
N ASP A 416 2.26 -8.24 -14.23
CA ASP A 416 1.67 -7.60 -13.07
C ASP A 416 0.59 -6.56 -13.43
N GLY A 417 0.62 -6.06 -14.67
CA GLY A 417 -0.39 -5.15 -15.16
C GLY A 417 -0.21 -3.69 -14.76
N VAL A 418 0.97 -3.30 -14.31
CA VAL A 418 1.17 -1.91 -13.92
C VAL A 418 1.08 -1.03 -15.15
N GLU A 419 0.93 0.27 -14.90
CA GLU A 419 0.70 1.20 -15.99
C GLU A 419 1.91 2.10 -16.10
N LEU A 420 2.71 1.85 -17.13
CA LEU A 420 4.03 2.47 -17.24
C LEU A 420 4.10 3.25 -18.54
N MET A 421 4.47 4.53 -18.44
CA MET A 421 4.44 5.41 -19.59
C MET A 421 5.71 5.33 -20.42
N GLY A 422 6.78 4.90 -19.78
CA GLY A 422 8.08 4.95 -20.40
C GLY A 422 9.26 4.67 -19.49
N TYR A 423 10.45 4.86 -20.04
CA TYR A 423 11.67 4.46 -19.38
C TYR A 423 12.82 5.38 -19.80
N THR A 424 13.41 6.06 -18.84
CA THR A 424 14.42 7.08 -19.13
C THR A 424 15.72 6.83 -18.37
N PRO A 425 16.63 6.06 -18.97
CA PRO A 425 17.96 5.92 -18.38
C PRO A 425 18.59 7.27 -18.07
N TRP A 426 19.14 7.38 -16.87
CA TRP A 426 19.74 8.62 -16.43
C TRP A 426 21.14 8.88 -17.00
N GLY A 427 21.39 10.13 -17.34
CA GLY A 427 22.72 10.58 -17.72
C GLY A 427 23.14 9.98 -19.03
N CYS A 428 22.18 9.85 -19.94
CA CYS A 428 22.39 9.26 -21.28
C CYS A 428 23.63 9.81 -22.00
N ILE A 429 24.01 11.04 -21.65
CA ILE A 429 25.29 11.56 -22.08
C ILE A 429 26.10 11.86 -20.84
N ASP A 430 27.38 11.48 -20.87
CA ASP A 430 28.28 11.74 -19.75
C ASP A 430 28.20 13.18 -19.25
N LEU A 431 27.80 13.33 -17.98
CA LEU A 431 27.72 14.65 -17.35
C LEU A 431 28.35 14.65 -15.95
N VAL A 432 28.25 15.80 -15.26
CA VAL A 432 28.78 15.99 -13.91
C VAL A 432 27.83 15.37 -12.87
N SER A 433 28.36 14.51 -12.00
CA SER A 433 27.49 13.79 -11.07
C SER A 433 26.91 14.68 -9.96
N ALA A 434 25.74 14.31 -9.46
CA ALA A 434 25.07 14.99 -8.36
C ALA A 434 25.92 14.94 -7.09
N GLY A 435 25.86 13.79 -6.43
CA GLY A 435 26.52 13.57 -5.16
C GLY A 435 27.96 14.01 -5.06
N THR A 436 28.72 13.87 -6.14
CA THR A 436 30.16 14.08 -6.05
C THR A 436 30.75 15.15 -6.95
N GLY A 437 29.97 15.65 -7.90
CA GLY A 437 30.51 16.61 -8.83
C GLY A 437 31.64 16.00 -9.63
N GLU A 438 31.55 14.70 -9.90
CA GLU A 438 32.58 13.94 -10.63
C GLU A 438 32.25 13.74 -12.12
N MET A 439 33.29 13.75 -12.97
CA MET A 439 33.15 13.29 -14.36
C MET A 439 33.47 11.80 -14.51
N ARG A 440 34.31 11.27 -13.62
CA ARG A 440 34.78 9.89 -13.74
C ARG A 440 33.69 8.88 -13.47
N LYS A 441 32.66 9.30 -12.73
CA LYS A 441 31.48 8.47 -12.51
C LYS A 441 30.55 8.67 -13.70
N ARG A 442 30.74 7.85 -14.73
CA ARG A 442 30.01 8.04 -15.98
C ARG A 442 28.73 7.22 -15.99
N TYR A 443 27.69 7.78 -16.57
CA TYR A 443 26.43 7.07 -16.73
C TYR A 443 26.11 6.81 -18.19
N GLY A 444 26.85 7.47 -19.08
CA GLY A 444 26.44 7.73 -20.46
C GLY A 444 26.42 6.59 -21.46
N PHE A 445 25.63 6.81 -22.53
CA PHE A 445 25.66 6.00 -23.75
C PHE A 445 26.67 6.65 -24.66
N ILE A 446 26.95 7.90 -24.33
CA ILE A 446 27.83 8.76 -25.11
C ILE A 446 28.93 9.27 -24.22
N TYR A 447 30.18 8.95 -24.58
CA TYR A 447 31.35 9.37 -23.84
C TYR A 447 31.71 10.83 -24.11
N VAL A 448 31.94 11.61 -23.06
CA VAL A 448 32.41 12.99 -23.21
C VAL A 448 33.82 13.15 -22.69
N ASP A 449 34.75 13.53 -23.58
CA ASP A 449 36.15 13.68 -23.21
C ASP A 449 36.39 14.86 -22.28
N LYS A 450 36.16 14.65 -20.98
CA LYS A 450 36.41 15.67 -19.96
C LYS A 450 36.67 15.03 -18.61
N ASP A 451 37.75 15.44 -17.95
CA ASP A 451 38.12 14.81 -16.69
C ASP A 451 37.75 15.65 -15.47
N ASP A 452 38.12 15.17 -14.29
CA ASP A 452 37.77 15.84 -13.05
C ASP A 452 38.70 17.00 -12.71
N GLU A 453 39.67 17.25 -13.57
CA GLU A 453 40.54 18.42 -13.44
C GLU A 453 40.02 19.50 -14.38
N GLY A 454 38.92 19.21 -15.07
CA GLY A 454 38.30 20.15 -15.98
C GLY A 454 38.80 20.16 -17.42
N LYS A 455 39.69 19.23 -17.76
CA LYS A 455 40.27 19.25 -19.10
C LYS A 455 39.66 18.20 -20.05
N GLY A 456 40.09 18.25 -21.31
CA GLY A 456 39.53 17.44 -22.36
C GLY A 456 39.00 18.34 -23.47
N THR A 457 38.80 17.75 -24.65
CA THR A 457 38.25 18.44 -25.81
C THR A 457 36.73 18.54 -25.76
N LEU A 458 36.12 17.81 -24.82
CA LEU A 458 34.67 17.76 -24.71
C LEU A 458 34.08 17.10 -25.94
N LYS A 459 34.86 16.24 -26.59
CA LYS A 459 34.41 15.52 -27.77
C LYS A 459 33.43 14.45 -27.36
N ARG A 460 32.38 14.29 -28.16
CA ARG A 460 31.39 13.25 -27.96
C ARG A 460 31.67 12.05 -28.84
N SER A 461 31.50 10.86 -28.28
CA SER A 461 31.65 9.61 -29.02
C SER A 461 30.86 8.48 -28.35
N PRO A 462 30.25 7.60 -29.16
CA PRO A 462 29.42 6.48 -28.70
C PRO A 462 30.17 5.46 -27.87
N LYS A 463 29.52 4.96 -26.83
CA LYS A 463 30.03 3.78 -26.16
C LYS A 463 29.38 2.60 -26.83
N LEU A 464 29.77 1.41 -26.42
CA LEU A 464 29.19 0.18 -26.92
C LEU A 464 27.68 0.11 -26.62
N SER A 465 27.27 0.72 -25.51
CA SER A 465 25.86 0.71 -25.07
C SER A 465 24.95 1.55 -25.99
N PHE A 466 25.56 2.49 -26.69
CA PHE A 466 24.86 3.36 -27.62
C PHE A 466 24.07 2.52 -28.61
N ASN A 467 24.75 1.63 -29.33
CA ASN A 467 24.06 0.82 -30.34
C ASN A 467 23.16 -0.24 -29.74
N TRP A 468 23.52 -0.66 -28.53
CA TRP A 468 22.66 -1.56 -27.78
C TRP A 468 21.30 -0.91 -27.46
N TYR A 469 21.35 0.30 -26.90
CA TYR A 469 20.11 0.99 -26.56
C TYR A 469 19.28 1.28 -27.82
N LYS A 470 19.94 1.82 -28.83
CA LYS A 470 19.30 2.03 -30.11
C LYS A 470 18.48 0.80 -30.50
N GLU A 471 19.08 -0.37 -30.34
CA GLU A 471 18.43 -1.61 -30.74
C GLU A 471 17.34 -2.06 -29.76
N VAL A 472 17.50 -1.71 -28.50
CA VAL A 472 16.47 -1.94 -27.49
C VAL A 472 15.20 -1.17 -27.85
N ILE A 473 15.38 0.10 -28.20
CA ILE A 473 14.27 0.93 -28.63
C ILE A 473 13.65 0.45 -29.94
N ALA A 474 14.48 0.17 -30.95
CA ALA A 474 13.95 -0.19 -32.26
C ALA A 474 13.03 -1.40 -32.18
N SER A 475 13.26 -2.25 -31.18
CA SER A 475 12.56 -3.52 -31.03
C SER A 475 11.62 -3.46 -29.84
N ASN A 476 11.42 -2.24 -29.32
CA ASN A 476 10.50 -2.01 -28.21
C ASN A 476 10.70 -2.96 -27.01
N GLY A 477 11.96 -3.20 -26.68
CA GLY A 477 12.33 -4.13 -25.63
C GLY A 477 12.25 -5.63 -25.97
N ASP A 478 11.76 -5.96 -27.16
CA ASP A 478 11.71 -7.36 -27.59
C ASP A 478 13.06 -8.07 -27.46
N ASP A 479 14.13 -7.35 -27.81
CA ASP A 479 15.45 -7.96 -27.94
C ASP A 479 16.50 -7.25 -27.11
N ILE A 480 16.64 -7.70 -25.86
CA ILE A 480 17.60 -7.13 -24.91
C ILE A 480 18.92 -7.92 -24.93
N SER B 5 -7.87 10.01 27.95
CA SER B 5 -7.64 8.68 27.40
C SER B 5 -7.11 8.74 25.97
N LYS B 6 -6.50 7.65 25.52
CA LYS B 6 -5.91 7.58 24.19
C LYS B 6 -6.94 7.21 23.10
N LEU B 7 -7.92 6.39 23.45
CA LEU B 7 -9.01 6.06 22.54
C LEU B 7 -10.12 7.09 22.63
N PRO B 8 -10.85 7.31 21.53
CA PRO B 8 -11.95 8.26 21.53
C PRO B 8 -13.10 7.77 22.40
N GLU B 9 -13.75 8.71 23.09
CA GLU B 9 -14.77 8.43 24.09
C GLU B 9 -15.81 7.36 23.71
N ASN B 10 -16.27 7.38 22.46
CA ASN B 10 -17.33 6.48 22.01
C ASN B 10 -16.84 5.15 21.41
N PHE B 11 -15.58 4.81 21.68
CA PHE B 11 -14.93 3.61 21.12
C PHE B 11 -15.78 2.36 21.34
N LEU B 12 -15.96 1.55 20.30
CA LEU B 12 -16.88 0.42 20.42
C LEU B 12 -16.24 -0.88 20.88
N TRP B 13 -16.14 -1.04 22.19
CA TRP B 13 -15.73 -2.30 22.78
C TRP B 13 -16.94 -3.20 22.71
N GLY B 14 -16.72 -4.48 22.43
CA GLY B 14 -17.82 -5.43 22.42
C GLY B 14 -17.31 -6.85 22.41
N GLY B 15 -18.09 -7.78 21.85
CA GLY B 15 -17.71 -9.18 21.73
C GLY B 15 -18.39 -9.85 20.56
N ALA B 16 -17.69 -10.73 19.87
CA ALA B 16 -18.18 -11.22 18.59
C ALA B 16 -18.56 -12.69 18.61
N VAL B 17 -19.56 -13.03 17.79
CA VAL B 17 -20.01 -14.41 17.58
C VAL B 17 -20.62 -14.54 16.18
N ALA B 18 -21.00 -15.77 15.80
CA ALA B 18 -21.70 -16.02 14.55
C ALA B 18 -22.88 -16.97 14.83
N ALA B 19 -24.01 -16.70 14.19
CA ALA B 19 -25.25 -17.45 14.44
C ALA B 19 -25.09 -18.98 14.59
N HIS B 20 -24.53 -19.63 13.58
CA HIS B 20 -24.45 -21.09 13.54
C HIS B 20 -23.49 -21.67 14.58
N GLN B 21 -22.58 -20.85 15.09
CA GLN B 21 -21.61 -21.31 16.08
C GLN B 21 -22.14 -21.38 17.53
N LEU B 22 -23.19 -20.61 17.82
CA LEU B 22 -23.68 -20.52 19.21
C LEU B 22 -25.18 -20.79 19.38
N GLU B 23 -25.98 -20.34 18.43
CA GLU B 23 -27.42 -20.30 18.62
C GLU B 23 -28.07 -21.61 19.03
N GLY B 24 -27.69 -22.70 18.37
CA GLY B 24 -28.44 -23.94 18.51
C GLY B 24 -29.83 -23.77 17.90
N GLY B 25 -30.78 -24.60 18.31
CA GLY B 25 -32.13 -24.54 17.77
C GLY B 25 -32.16 -24.65 16.25
N TRP B 26 -31.27 -25.48 15.71
CA TRP B 26 -31.02 -25.55 14.29
C TRP B 26 -32.28 -25.90 13.49
N GLN B 27 -33.33 -26.35 14.18
CA GLN B 27 -34.59 -26.66 13.51
C GLN B 27 -35.75 -25.84 14.03
N GLU B 28 -35.47 -24.94 14.97
CA GLU B 28 -36.53 -24.18 15.63
C GLU B 28 -37.07 -23.02 14.79
N GLY B 29 -38.38 -22.83 14.85
CA GLY B 29 -39.04 -21.75 14.14
C GLY B 29 -38.93 -21.86 12.64
N GLY B 30 -38.83 -23.09 12.13
CA GLY B 30 -38.76 -23.35 10.70
C GLY B 30 -37.39 -23.21 10.06
N LYS B 31 -36.37 -22.87 10.85
CA LYS B 31 -35.02 -22.68 10.32
C LYS B 31 -34.63 -23.80 9.35
N GLY B 32 -34.06 -23.41 8.20
CA GLY B 32 -33.64 -24.37 7.19
C GLY B 32 -32.23 -24.89 7.40
N ILE B 33 -31.92 -26.00 6.75
CA ILE B 33 -30.59 -26.58 6.80
C ILE B 33 -29.59 -25.65 6.14
N SER B 34 -28.49 -25.37 6.85
CA SER B 34 -27.47 -24.47 6.36
C SER B 34 -26.21 -25.29 6.19
N VAL B 35 -25.29 -24.76 5.41
CA VAL B 35 -24.03 -25.45 5.15
C VAL B 35 -23.43 -25.95 6.46
N ALA B 36 -23.57 -25.15 7.52
CA ALA B 36 -22.97 -25.48 8.83
C ALA B 36 -23.62 -26.71 9.49
N ASP B 37 -24.89 -26.93 9.19
CA ASP B 37 -25.60 -28.06 9.75
C ASP B 37 -25.13 -29.42 9.21
N VAL B 38 -24.35 -29.42 8.14
CA VAL B 38 -23.86 -30.67 7.55
C VAL B 38 -22.34 -30.90 7.70
N MET B 39 -21.68 -30.11 8.55
CA MET B 39 -20.26 -30.32 8.85
C MET B 39 -20.04 -30.97 10.22
N THR B 40 -19.48 -32.18 10.23
CA THR B 40 -19.27 -32.94 11.45
C THR B 40 -18.08 -32.40 12.27
N ALA B 41 -17.95 -32.92 13.49
CA ALA B 41 -16.87 -32.51 14.39
C ALA B 41 -15.51 -33.00 13.92
N GLY B 42 -14.45 -32.30 14.32
CA GLY B 42 -13.09 -32.67 14.00
C GLY B 42 -12.11 -32.32 15.11
N ARG B 43 -10.89 -31.93 14.73
CA ARG B 43 -9.84 -31.58 15.70
C ARG B 43 -8.53 -31.16 15.02
N HIS B 44 -7.68 -30.46 15.77
CA HIS B 44 -6.36 -30.06 15.27
C HIS B 44 -5.66 -31.24 14.58
N GLY B 45 -5.49 -31.13 13.27
CA GLY B 45 -4.86 -32.18 12.49
C GLY B 45 -5.86 -33.16 11.87
N VAL B 46 -7.14 -32.88 12.07
CA VAL B 46 -8.20 -33.67 11.43
C VAL B 46 -9.30 -32.76 10.86
N ALA B 47 -9.54 -32.84 9.55
CA ALA B 47 -10.52 -31.98 8.88
C ALA B 47 -11.97 -32.36 9.19
N ARG B 48 -12.84 -31.35 9.25
CA ARG B 48 -14.26 -31.58 9.44
C ARG B 48 -14.81 -32.29 8.21
N GLU B 49 -15.72 -33.24 8.42
CA GLU B 49 -16.32 -33.95 7.30
C GLU B 49 -17.55 -33.21 6.85
N ILE B 50 -17.64 -32.97 5.55
CA ILE B 50 -18.78 -32.26 4.97
C ILE B 50 -19.69 -33.22 4.20
N THR B 51 -20.86 -33.48 4.77
CA THR B 51 -21.68 -34.61 4.32
C THR B 51 -22.76 -34.19 3.33
N ALA B 52 -23.24 -35.16 2.57
CA ALA B 52 -24.30 -34.89 1.62
C ALA B 52 -25.62 -34.89 2.37
N GLY B 53 -25.81 -33.89 3.21
CA GLY B 53 -27.00 -33.80 4.04
C GLY B 53 -26.68 -34.36 5.41
N VAL B 54 -27.67 -34.39 6.29
CA VAL B 54 -27.47 -34.90 7.65
C VAL B 54 -27.53 -36.44 7.68
N LEU B 55 -26.36 -37.04 7.85
CA LEU B 55 -26.20 -38.48 7.78
C LEU B 55 -26.20 -39.12 9.17
N GLU B 56 -26.69 -40.35 9.25
CA GLU B 56 -26.69 -41.09 10.50
C GLU B 56 -25.28 -41.50 10.86
N GLY B 57 -24.97 -41.54 12.15
CA GLY B 57 -23.66 -41.95 12.63
C GLY B 57 -22.65 -40.83 12.73
N LYS B 58 -23.07 -39.62 12.39
CA LYS B 58 -22.19 -38.46 12.42
C LYS B 58 -22.62 -37.52 13.52
N TYR B 59 -21.67 -36.76 14.05
CA TYR B 59 -21.99 -35.73 15.04
C TYR B 59 -21.81 -34.34 14.41
N TYR B 60 -22.89 -33.55 14.44
CA TYR B 60 -22.89 -32.20 13.91
C TYR B 60 -23.03 -31.17 15.02
N PRO B 61 -21.91 -30.70 15.55
CA PRO B 61 -21.83 -29.85 16.74
C PRO B 61 -22.65 -28.55 16.67
N ASN B 62 -22.89 -28.04 15.46
CA ASN B 62 -23.63 -26.79 15.30
C ASN B 62 -25.15 -26.94 15.49
N HIS B 63 -25.61 -28.19 15.41
CA HIS B 63 -27.02 -28.48 15.61
C HIS B 63 -27.51 -27.94 16.95
N GLU B 64 -26.81 -28.25 18.03
CA GLU B 64 -27.25 -27.80 19.33
C GLU B 64 -26.37 -26.68 19.90
N ALA B 65 -25.11 -26.63 19.47
CA ALA B 65 -24.16 -25.61 19.92
C ALA B 65 -24.34 -25.36 21.41
N ILE B 66 -24.41 -24.08 21.80
CA ILE B 66 -24.58 -23.74 23.22
C ILE B 66 -25.98 -23.27 23.60
N ASP B 67 -26.94 -23.44 22.69
CA ASP B 67 -28.35 -23.12 22.96
C ASP B 67 -28.58 -21.66 23.32
N PHE B 68 -27.81 -20.79 22.70
CA PHE B 68 -27.98 -19.36 22.85
C PHE B 68 -29.40 -18.96 22.47
N TYR B 69 -30.01 -19.74 21.60
CA TYR B 69 -31.34 -19.46 21.09
C TYR B 69 -32.37 -19.42 22.21
N HIS B 70 -32.13 -20.24 23.24
CA HIS B 70 -33.01 -20.32 24.40
C HIS B 70 -32.39 -19.63 25.61
N HIS B 71 -31.25 -18.98 25.41
CA HIS B 71 -30.46 -18.49 26.53
C HIS B 71 -30.10 -17.03 26.40
N TYR B 72 -30.52 -16.41 25.31
CA TYR B 72 -29.92 -15.13 24.92
C TYR B 72 -30.09 -14.04 25.97
N LYS B 73 -31.26 -13.98 26.60
CA LYS B 73 -31.56 -12.95 27.59
C LYS B 73 -30.60 -13.02 28.76
N GLU B 74 -30.23 -14.24 29.12
CA GLU B 74 -29.32 -14.48 30.22
C GLU B 74 -27.89 -14.11 29.83
N ASP B 75 -27.54 -14.40 28.59
CA ASP B 75 -26.19 -14.14 28.10
C ASP B 75 -26.03 -12.65 27.84
N VAL B 76 -26.99 -12.05 27.15
CA VAL B 76 -26.92 -10.62 26.88
C VAL B 76 -26.72 -9.90 28.19
N LYS B 77 -27.38 -10.40 29.23
CA LYS B 77 -27.28 -9.77 30.53
C LYS B 77 -25.83 -9.76 31.00
N LEU B 78 -25.11 -10.85 30.76
CA LEU B 78 -23.69 -10.92 31.10
C LEU B 78 -22.89 -9.91 30.28
N PHE B 79 -23.17 -9.84 28.98
CA PHE B 79 -22.46 -8.92 28.10
C PHE B 79 -22.55 -7.51 28.68
N ALA B 80 -23.69 -7.22 29.29
CA ALA B 80 -23.94 -5.94 29.90
C ALA B 80 -23.22 -5.82 31.25
N GLU B 81 -23.00 -6.95 31.92
CA GLU B 81 -22.21 -6.95 33.14
C GLU B 81 -20.76 -6.54 32.85
N MET B 82 -20.20 -7.00 31.73
CA MET B 82 -18.88 -6.56 31.30
C MET B 82 -18.96 -5.13 30.75
N GLY B 83 -20.16 -4.72 30.36
CA GLY B 83 -20.37 -3.38 29.85
C GLY B 83 -20.04 -3.22 28.38
N PHE B 84 -20.35 -4.23 27.57
CA PHE B 84 -20.19 -4.14 26.12
C PHE B 84 -20.79 -2.83 25.59
N LYS B 85 -20.09 -2.21 24.63
CA LYS B 85 -20.67 -1.04 23.98
C LYS B 85 -21.29 -1.47 22.66
N CYS B 86 -20.96 -2.68 22.22
CA CYS B 86 -21.58 -3.27 21.05
C CYS B 86 -21.53 -4.79 21.13
N PHE B 87 -22.26 -5.46 20.25
CA PHE B 87 -22.23 -6.92 20.20
C PHE B 87 -22.42 -7.41 18.76
N ARG B 88 -21.42 -8.12 18.24
CA ARG B 88 -21.43 -8.56 16.87
C ARG B 88 -21.92 -9.97 16.73
N THR B 89 -22.87 -10.17 15.82
CA THR B 89 -23.29 -11.50 15.44
C THR B 89 -23.74 -11.41 14.00
N SER B 90 -24.17 -12.53 13.44
CA SER B 90 -24.72 -12.53 12.09
C SER B 90 -26.20 -12.85 12.16
N ILE B 91 -26.94 -12.44 11.14
CA ILE B 91 -28.30 -12.92 11.01
C ILE B 91 -28.26 -14.21 10.20
N ALA B 92 -28.72 -15.32 10.79
CA ALA B 92 -28.71 -16.61 10.13
C ALA B 92 -29.61 -16.60 8.90
N TRP B 93 -28.97 -16.70 7.74
CA TRP B 93 -29.66 -16.70 6.45
C TRP B 93 -30.84 -17.67 6.45
N THR B 94 -30.60 -18.87 6.99
CA THR B 94 -31.58 -19.95 6.99
C THR B 94 -32.70 -19.79 8.03
N ARG B 95 -32.63 -18.73 8.84
CA ARG B 95 -33.76 -18.40 9.73
C ARG B 95 -34.72 -17.44 9.04
N ILE B 96 -34.23 -16.76 8.01
CA ILE B 96 -35.06 -15.79 7.30
C ILE B 96 -35.58 -16.38 5.97
N PHE B 97 -34.71 -17.12 5.29
CA PHE B 97 -35.09 -17.83 4.07
C PHE B 97 -34.57 -19.26 4.16
N PRO B 98 -35.36 -20.16 4.78
CA PRO B 98 -35.02 -21.57 4.96
C PRO B 98 -34.25 -22.20 3.79
N LYS B 99 -34.82 -22.19 2.60
CA LYS B 99 -34.19 -22.81 1.44
C LYS B 99 -33.38 -21.81 0.64
N GLY B 100 -33.70 -20.53 0.76
CA GLY B 100 -32.95 -19.49 0.10
C GLY B 100 -33.69 -18.80 -1.04
N ASP B 101 -34.62 -19.51 -1.67
CA ASP B 101 -35.26 -18.97 -2.86
C ASP B 101 -36.71 -18.56 -2.65
N GLU B 102 -37.16 -18.50 -1.41
CA GLU B 102 -38.55 -18.10 -1.14
C GLU B 102 -38.80 -16.67 -1.55
N ALA B 103 -40.05 -16.38 -1.92
CA ALA B 103 -40.49 -15.05 -2.32
C ALA B 103 -40.73 -14.14 -1.13
N GLU B 104 -40.80 -14.73 0.05
CA GLU B 104 -41.10 -14.02 1.29
C GLU B 104 -40.35 -14.62 2.48
N PRO B 105 -39.88 -13.78 3.40
CA PRO B 105 -39.01 -14.20 4.51
C PRO B 105 -39.76 -14.90 5.64
N ASN B 106 -39.06 -15.70 6.44
CA ASN B 106 -39.67 -16.32 7.61
C ASN B 106 -39.84 -15.30 8.73
N GLU B 107 -41.10 -14.94 9.01
CA GLU B 107 -41.41 -13.95 10.04
C GLU B 107 -40.89 -14.34 11.43
N ALA B 108 -41.18 -15.58 11.85
CA ALA B 108 -40.62 -16.08 13.09
C ALA B 108 -39.13 -15.74 13.17
N GLY B 109 -38.43 -15.94 12.06
CA GLY B 109 -37.03 -15.63 11.96
C GLY B 109 -36.74 -14.16 12.16
N LEU B 110 -37.54 -13.27 11.57
CA LEU B 110 -37.30 -11.84 11.74
C LEU B 110 -37.55 -11.46 13.19
N GLN B 111 -38.58 -12.07 13.77
CA GLN B 111 -38.95 -11.83 15.15
C GLN B 111 -37.83 -12.20 16.12
N PHE B 112 -37.15 -13.31 15.86
CA PHE B 112 -36.10 -13.72 16.78
C PHE B 112 -35.03 -12.64 16.88
N TYR B 113 -34.70 -12.01 15.76
CA TYR B 113 -33.65 -11.02 15.79
C TYR B 113 -34.16 -9.69 16.29
N ASP B 114 -35.43 -9.44 16.06
CA ASP B 114 -36.10 -8.31 16.69
C ASP B 114 -35.94 -8.41 18.20
N ASP B 115 -36.23 -9.60 18.72
CA ASP B 115 -36.19 -9.83 20.16
C ASP B 115 -34.75 -9.78 20.69
N LEU B 116 -33.83 -10.37 19.92
CA LEU B 116 -32.42 -10.31 20.28
C LEU B 116 -31.91 -8.88 20.29
N PHE B 117 -32.18 -8.15 19.21
CA PHE B 117 -31.69 -6.78 19.08
C PHE B 117 -32.28 -5.79 20.09
N ASP B 118 -33.54 -6.01 20.46
CA ASP B 118 -34.17 -5.21 21.50
C ASP B 118 -33.48 -5.48 22.83
N GLU B 119 -33.15 -6.74 23.07
CA GLU B 119 -32.50 -7.14 24.32
C GLU B 119 -31.16 -6.41 24.54
N CYS B 120 -30.32 -6.37 23.51
CA CYS B 120 -29.06 -5.62 23.54
C CYS B 120 -29.30 -4.13 23.75
N LEU B 121 -30.25 -3.59 23.02
CA LEU B 121 -30.51 -2.17 23.05
C LEU B 121 -31.01 -1.68 24.42
N LYS B 122 -31.60 -2.57 25.22
CA LYS B 122 -31.98 -2.27 26.61
C LYS B 122 -30.76 -1.87 27.45
N TYR B 123 -29.63 -2.49 27.18
CA TYR B 123 -28.44 -2.28 27.98
C TYR B 123 -27.52 -1.28 27.33
N GLY B 124 -27.98 -0.68 26.23
CA GLY B 124 -27.16 0.28 25.50
C GLY B 124 -26.14 -0.38 24.58
N ILE B 125 -26.26 -1.69 24.40
CA ILE B 125 -25.40 -2.42 23.49
C ILE B 125 -25.84 -2.34 22.03
N GLU B 126 -25.07 -1.60 21.22
CA GLU B 126 -25.33 -1.48 19.80
C GLU B 126 -24.96 -2.75 19.04
N PRO B 127 -25.97 -3.39 18.40
CA PRO B 127 -25.74 -4.54 17.54
C PRO B 127 -24.82 -4.23 16.36
N VAL B 128 -23.98 -5.19 16.01
CA VAL B 128 -23.17 -5.10 14.80
C VAL B 128 -23.39 -6.40 14.04
N VAL B 129 -23.87 -6.27 12.80
CA VAL B 129 -24.47 -7.40 12.11
C VAL B 129 -23.76 -7.76 10.82
N THR B 130 -23.39 -9.03 10.73
CA THR B 130 -22.86 -9.65 9.52
C THR B 130 -23.96 -10.41 8.79
N LEU B 131 -24.14 -10.10 7.51
CA LEU B 131 -25.18 -10.75 6.71
C LEU B 131 -24.87 -12.22 6.41
N SER B 132 -23.71 -12.52 5.85
CA SER B 132 -23.34 -13.92 5.60
C SER B 132 -22.10 -14.38 6.37
N HIS B 133 -22.32 -15.34 7.27
CA HIS B 133 -21.23 -15.91 8.04
C HIS B 133 -21.25 -17.44 8.05
N PHE B 134 -20.75 -18.04 6.96
CA PHE B 134 -20.51 -19.48 6.91
C PHE B 134 -21.78 -20.32 7.11
N GLU B 135 -22.92 -19.86 6.60
CA GLU B 135 -24.20 -20.51 6.90
C GLU B 135 -25.31 -20.20 5.90
N LEU B 136 -24.97 -20.29 4.62
CA LEU B 136 -25.95 -20.17 3.57
C LEU B 136 -26.83 -21.41 3.59
N PRO B 137 -28.08 -21.27 3.16
CA PRO B 137 -29.00 -22.42 3.06
C PRO B 137 -28.35 -23.56 2.29
N TYR B 138 -28.31 -24.76 2.86
CA TYR B 138 -27.77 -25.91 2.15
C TYR B 138 -28.51 -26.23 0.85
N HIS B 139 -29.71 -25.67 0.70
CA HIS B 139 -30.53 -25.88 -0.49
C HIS B 139 -30.00 -25.12 -1.71
N LEU B 140 -29.52 -23.91 -1.49
CA LEU B 140 -28.91 -23.13 -2.56
C LEU B 140 -27.69 -23.88 -3.08
N VAL B 141 -27.06 -24.66 -2.23
CA VAL B 141 -25.91 -25.47 -2.64
C VAL B 141 -26.33 -26.64 -3.51
N THR B 142 -27.32 -27.42 -3.06
CA THR B 142 -27.75 -28.57 -3.86
C THR B 142 -28.53 -28.09 -5.08
N GLU B 143 -29.50 -27.22 -4.85
CA GLU B 143 -30.40 -26.77 -5.90
C GLU B 143 -29.75 -25.85 -6.94
N TYR B 144 -28.79 -25.02 -6.53
CA TYR B 144 -28.21 -24.05 -7.46
C TYR B 144 -26.71 -24.11 -7.62
N GLY B 145 -26.03 -24.75 -6.68
CA GLY B 145 -24.58 -24.80 -6.70
C GLY B 145 -23.93 -23.66 -5.95
N GLY B 146 -24.73 -22.97 -5.15
CA GLY B 146 -24.23 -21.88 -4.34
C GLY B 146 -23.86 -20.66 -5.16
N PHE B 147 -22.84 -19.93 -4.71
CA PHE B 147 -22.42 -18.71 -5.37
C PHE B 147 -21.64 -18.92 -6.66
N THR B 148 -21.68 -20.13 -7.20
CA THR B 148 -21.21 -20.35 -8.56
C THR B 148 -22.30 -19.85 -9.51
N ASN B 149 -23.51 -19.72 -8.99
CA ASN B 149 -24.69 -19.40 -9.80
C ASN B 149 -25.04 -17.92 -9.71
N ARG B 150 -24.97 -17.21 -10.83
CA ARG B 150 -25.25 -15.77 -10.86
C ARG B 150 -26.58 -15.41 -10.21
N LYS B 151 -27.55 -16.28 -10.36
CA LYS B 151 -28.89 -16.03 -9.81
C LYS B 151 -28.90 -15.98 -8.29
N VAL B 152 -27.90 -16.58 -7.66
CA VAL B 152 -27.78 -16.53 -6.20
C VAL B 152 -27.44 -15.13 -5.73
N ILE B 153 -26.89 -14.30 -6.61
CA ILE B 153 -26.65 -12.90 -6.27
C ILE B 153 -27.95 -12.24 -5.81
N ASP B 154 -29.00 -12.38 -6.61
CA ASP B 154 -30.30 -11.77 -6.32
C ASP B 154 -30.96 -12.36 -5.07
N PHE B 155 -30.63 -13.61 -4.76
CA PHE B 155 -31.15 -14.25 -3.55
C PHE B 155 -30.54 -13.58 -2.33
N PHE B 156 -29.25 -13.26 -2.43
CA PHE B 156 -28.57 -12.57 -1.34
C PHE B 156 -29.08 -11.15 -1.17
N VAL B 157 -29.25 -10.46 -2.29
CA VAL B 157 -29.70 -9.08 -2.26
C VAL B 157 -31.12 -8.97 -1.71
N HIS B 158 -31.95 -9.98 -1.97
CA HIS B 158 -33.30 -10.03 -1.40
C HIS B 158 -33.19 -10.15 0.12
N PHE B 159 -32.40 -11.11 0.58
CA PHE B 159 -32.17 -11.38 1.99
C PHE B 159 -31.63 -10.14 2.70
N ALA B 160 -30.63 -9.49 2.11
CA ALA B 160 -30.07 -8.29 2.70
C ALA B 160 -31.13 -7.19 2.81
N GLU B 161 -31.84 -6.93 1.72
CA GLU B 161 -32.87 -5.90 1.68
C GLU B 161 -33.91 -6.10 2.79
N VAL B 162 -34.38 -7.34 2.90
CA VAL B 162 -35.33 -7.69 3.95
C VAL B 162 -34.73 -7.31 5.30
N CYS B 163 -33.47 -7.67 5.51
CA CYS B 163 -32.83 -7.42 6.79
C CYS B 163 -32.62 -5.93 7.07
N PHE B 164 -32.15 -5.21 6.07
CA PHE B 164 -31.95 -3.77 6.17
C PHE B 164 -33.24 -3.10 6.63
N ARG B 165 -34.36 -3.45 6.00
CA ARG B 165 -35.63 -2.80 6.28
C ARG B 165 -36.20 -3.11 7.67
N ARG B 166 -36.26 -4.38 8.02
CA ARG B 166 -36.77 -4.78 9.31
C ARG B 166 -36.01 -4.12 10.46
N TYR B 167 -34.71 -3.87 10.24
CA TYR B 167 -33.84 -3.40 11.32
C TYR B 167 -33.17 -2.05 11.04
N LYS B 168 -33.72 -1.29 10.09
CA LYS B 168 -33.08 -0.05 9.65
C LYS B 168 -32.88 0.98 10.75
N ASP B 169 -33.67 0.88 11.82
CA ASP B 169 -33.60 1.83 12.91
C ASP B 169 -33.09 1.21 14.21
N LYS B 170 -32.75 -0.07 14.16
CA LYS B 170 -32.16 -0.74 15.32
C LYS B 170 -30.67 -1.02 15.13
N VAL B 171 -30.27 -1.28 13.90
CA VAL B 171 -28.88 -1.67 13.64
C VAL B 171 -28.14 -0.63 12.81
N LYS B 172 -27.10 -0.06 13.41
CA LYS B 172 -26.29 0.98 12.80
C LYS B 172 -25.09 0.42 12.02
N TYR B 173 -24.58 -0.73 12.45
CA TYR B 173 -23.34 -1.27 11.88
C TYR B 173 -23.53 -2.62 11.16
N TRP B 174 -23.24 -2.63 9.86
CA TRP B 174 -23.42 -3.84 9.08
C TRP B 174 -22.19 -4.22 8.29
N MET B 175 -21.98 -5.53 8.16
CA MET B 175 -20.99 -6.06 7.22
C MET B 175 -21.63 -7.09 6.30
N THR B 176 -21.25 -7.05 5.03
CA THR B 176 -21.84 -7.94 4.04
C THR B 176 -21.41 -9.41 4.15
N PHE B 177 -20.14 -9.70 3.85
CA PHE B 177 -19.69 -11.08 3.80
C PHE B 177 -18.52 -11.34 4.75
N ASN B 178 -18.72 -12.21 5.73
CA ASN B 178 -17.63 -12.59 6.63
C ASN B 178 -16.37 -13.09 5.93
N GLU B 179 -15.22 -12.52 6.28
CA GLU B 179 -13.92 -12.93 5.73
C GLU B 179 -14.04 -13.42 4.29
N ILE B 180 -14.43 -12.52 3.38
CA ILE B 180 -14.73 -12.90 2.00
C ILE B 180 -13.53 -13.53 1.31
N ASN B 181 -12.37 -13.36 1.91
CA ASN B 181 -11.13 -13.83 1.32
C ASN B 181 -10.54 -15.13 1.89
N ASN B 182 -11.26 -15.82 2.77
CA ASN B 182 -10.79 -17.16 3.18
C ASN B 182 -10.64 -18.12 1.98
N GLN B 183 -11.47 -17.94 0.96
CA GLN B 183 -11.45 -18.86 -0.18
C GLN B 183 -10.19 -18.65 -1.05
N ALA B 184 -9.47 -17.56 -0.84
CA ALA B 184 -8.15 -17.40 -1.46
C ALA B 184 -7.41 -18.74 -1.39
N ASN B 185 -7.69 -19.50 -0.34
CA ASN B 185 -7.23 -20.87 -0.19
C ASN B 185 -8.26 -21.84 -0.75
N TYR B 186 -8.22 -22.02 -2.07
CA TYR B 186 -9.13 -22.94 -2.75
C TYR B 186 -8.64 -24.39 -2.62
N GLN B 187 -7.41 -24.55 -2.14
CA GLN B 187 -6.74 -25.86 -2.10
C GLN B 187 -7.49 -26.87 -1.24
N GLU B 188 -8.15 -26.39 -0.18
CA GLU B 188 -8.94 -27.26 0.68
C GLU B 188 -10.43 -26.95 0.55
N ASP B 189 -11.26 -27.83 1.08
CA ASP B 189 -12.71 -27.70 0.89
C ASP B 189 -13.42 -26.75 1.85
N PHE B 190 -12.83 -26.51 3.02
CA PHE B 190 -13.48 -25.68 4.05
C PHE B 190 -13.92 -24.31 3.53
N ALA B 191 -12.96 -23.45 3.22
CA ALA B 191 -13.27 -22.09 2.79
C ALA B 191 -14.24 -22.02 1.60
N PRO B 192 -13.97 -22.76 0.51
CA PRO B 192 -14.91 -22.68 -0.61
C PRO B 192 -16.32 -23.15 -0.24
N PHE B 193 -16.43 -24.09 0.68
CA PHE B 193 -17.74 -24.57 1.10
C PHE B 193 -18.51 -23.58 2.00
N THR B 194 -17.78 -22.77 2.76
CA THR B 194 -18.39 -21.90 3.78
C THR B 194 -18.44 -20.44 3.38
N ASN B 195 -17.41 -19.95 2.70
CA ASN B 195 -17.54 -18.64 2.07
C ASN B 195 -18.64 -18.64 1.01
N SER B 196 -18.78 -19.76 0.29
CA SER B 196 -19.41 -19.74 -1.03
C SER B 196 -20.33 -20.91 -1.36
N GLY B 197 -20.36 -21.92 -0.52
CA GLY B 197 -21.21 -23.07 -0.77
C GLY B 197 -20.79 -23.85 -2.02
N ILE B 198 -19.48 -24.05 -2.16
CA ILE B 198 -18.93 -24.79 -3.29
C ILE B 198 -18.53 -26.21 -2.90
N VAL B 199 -19.25 -27.19 -3.44
CA VAL B 199 -18.80 -28.57 -3.36
C VAL B 199 -18.14 -28.96 -4.69
N TYR B 200 -16.86 -29.31 -4.62
CA TYR B 200 -16.08 -29.63 -5.81
C TYR B 200 -16.30 -31.08 -6.26
N LYS B 201 -16.06 -31.33 -7.54
CA LYS B 201 -16.11 -32.68 -8.08
C LYS B 201 -14.94 -32.90 -9.02
N GLU B 202 -14.91 -34.08 -9.65
CA GLU B 202 -13.83 -34.47 -10.53
C GLU B 202 -13.59 -33.49 -11.67
N GLY B 203 -12.33 -33.12 -11.86
CA GLY B 203 -11.93 -32.33 -13.01
C GLY B 203 -12.24 -30.85 -12.90
N ASP B 204 -12.82 -30.45 -11.77
CA ASP B 204 -13.09 -29.04 -11.52
C ASP B 204 -11.78 -28.28 -11.36
N ASP B 205 -11.66 -27.15 -12.05
CA ASP B 205 -10.57 -26.22 -11.76
C ASP B 205 -11.00 -25.46 -10.49
N ARG B 206 -10.45 -25.86 -9.35
CA ARG B 206 -10.91 -25.35 -8.06
C ARG B 206 -10.68 -23.85 -7.97
N GLU B 207 -9.59 -23.39 -8.56
CA GLU B 207 -9.23 -21.99 -8.48
C GLU B 207 -10.19 -21.14 -9.31
N ALA B 208 -10.49 -21.63 -10.50
CA ALA B 208 -11.35 -20.96 -11.46
C ALA B 208 -12.74 -20.77 -10.88
N ILE B 209 -13.26 -21.83 -10.29
CA ILE B 209 -14.58 -21.81 -9.66
C ILE B 209 -14.64 -20.92 -8.43
N MET B 210 -13.50 -20.77 -7.77
CA MET B 210 -13.43 -19.92 -6.59
C MET B 210 -13.58 -18.45 -6.97
N TYR B 211 -12.84 -18.05 -8.00
CA TYR B 211 -12.85 -16.66 -8.46
C TYR B 211 -14.20 -16.21 -8.97
N GLN B 212 -14.97 -17.15 -9.53
CA GLN B 212 -16.28 -16.81 -10.07
C GLN B 212 -17.20 -16.47 -8.91
N ALA B 213 -17.33 -17.40 -7.97
CA ALA B 213 -18.11 -17.18 -6.77
C ALA B 213 -17.69 -15.91 -6.04
N ALA B 214 -16.38 -15.75 -5.80
CA ALA B 214 -15.88 -14.53 -5.15
C ALA B 214 -16.37 -13.30 -5.91
N HIS B 215 -16.35 -13.36 -7.23
CA HIS B 215 -16.81 -12.22 -8.02
C HIS B 215 -18.30 -11.98 -7.82
N TYR B 216 -19.09 -13.04 -7.79
CA TYR B 216 -20.52 -12.91 -7.59
C TYR B 216 -20.84 -12.29 -6.23
N GLU B 217 -20.05 -12.65 -5.23
CA GLU B 217 -20.18 -12.17 -3.86
C GLU B 217 -19.78 -10.72 -3.74
N LEU B 218 -18.65 -10.38 -4.35
CA LEU B 218 -18.23 -9.00 -4.42
C LEU B 218 -19.34 -8.18 -5.09
N VAL B 219 -19.94 -8.73 -6.14
CA VAL B 219 -21.04 -8.01 -6.80
C VAL B 219 -22.31 -8.00 -5.96
N ALA B 220 -22.62 -9.11 -5.30
CA ALA B 220 -23.72 -9.11 -4.34
C ALA B 220 -23.50 -8.05 -3.25
N SER B 221 -22.28 -7.96 -2.71
CA SER B 221 -21.95 -6.97 -1.68
C SER B 221 -22.18 -5.52 -2.14
N ALA B 222 -21.63 -5.15 -3.29
CA ALA B 222 -21.80 -3.80 -3.84
C ALA B 222 -23.26 -3.44 -4.04
N ARG B 223 -24.07 -4.41 -4.41
CA ARG B 223 -25.49 -4.15 -4.62
CA ARG B 223 -25.49 -4.16 -4.63
C ARG B 223 -26.21 -3.95 -3.29
N ALA B 224 -25.83 -4.76 -2.30
CA ALA B 224 -26.39 -4.67 -0.96
C ALA B 224 -25.99 -3.37 -0.27
N VAL B 225 -24.75 -2.93 -0.47
CA VAL B 225 -24.29 -1.67 0.10
C VAL B 225 -25.16 -0.53 -0.39
N LYS B 226 -25.37 -0.52 -1.70
CA LYS B 226 -26.16 0.49 -2.37
C LYS B 226 -27.57 0.55 -1.80
N ILE B 227 -28.20 -0.62 -1.73
CA ILE B 227 -29.57 -0.75 -1.28
C ILE B 227 -29.72 -0.37 0.18
N GLY B 228 -28.72 -0.71 0.98
CA GLY B 228 -28.73 -0.33 2.39
C GLY B 228 -28.85 1.18 2.53
N HIS B 229 -27.98 1.91 1.83
CA HIS B 229 -27.90 3.35 1.97
C HIS B 229 -29.17 4.05 1.47
N ALA B 230 -29.88 3.43 0.53
CA ALA B 230 -31.13 4.00 0.03
C ALA B 230 -32.20 3.93 1.12
N ILE B 231 -32.27 2.78 1.77
CA ILE B 231 -33.21 2.53 2.86
C ILE B 231 -32.96 3.43 4.07
N ASN B 232 -31.70 3.58 4.46
CA ASN B 232 -31.33 4.50 5.54
C ASN B 232 -29.91 4.99 5.35
N PRO B 233 -29.77 6.20 4.81
CA PRO B 233 -28.47 6.78 4.47
C PRO B 233 -27.47 6.78 5.62
N ASN B 234 -27.96 6.79 6.85
CA ASN B 234 -27.09 6.81 8.02
C ASN B 234 -26.45 5.47 8.35
N LEU B 235 -26.90 4.40 7.71
CA LEU B 235 -26.32 3.08 7.92
C LEU B 235 -24.82 3.06 7.62
N ASN B 236 -24.05 2.35 8.47
CA ASN B 236 -22.63 2.09 8.25
C ASN B 236 -22.46 0.65 7.80
N ILE B 237 -22.00 0.49 6.56
CA ILE B 237 -21.94 -0.81 5.89
C ILE B 237 -20.52 -1.08 5.43
N GLY B 238 -19.90 -2.10 6.03
CA GLY B 238 -18.49 -2.34 5.81
C GLY B 238 -18.27 -3.69 5.16
N CYS B 239 -17.02 -3.95 4.76
CA CYS B 239 -16.69 -5.28 4.33
C CYS B 239 -16.02 -5.97 5.50
N MET B 240 -15.66 -7.23 5.32
CA MET B 240 -15.01 -8.01 6.37
C MET B 240 -14.02 -8.97 5.74
N VAL B 241 -12.73 -8.77 6.01
CA VAL B 241 -11.71 -9.72 5.54
C VAL B 241 -10.89 -10.28 6.69
N ALA B 242 -10.46 -11.54 6.55
CA ALA B 242 -9.50 -12.10 7.49
C ALA B 242 -8.12 -11.56 7.15
N MET B 243 -7.54 -10.80 8.07
CA MET B 243 -6.21 -10.26 7.87
C MET B 243 -5.13 -11.09 8.56
N CYS B 244 -4.32 -11.77 7.77
CA CYS B 244 -3.12 -12.41 8.30
C CYS B 244 -2.00 -11.81 7.51
N PRO B 245 -1.31 -10.81 8.07
CA PRO B 245 -0.29 -10.14 7.26
C PRO B 245 0.80 -11.13 6.88
N ILE B 246 1.34 -11.00 5.68
CA ILE B 246 2.29 -11.97 5.19
C ILE B 246 3.66 -11.36 5.08
N TYR B 247 4.59 -11.89 5.88
CA TYR B 247 5.93 -11.35 6.02
C TYR B 247 6.92 -12.10 5.14
N PRO B 248 7.80 -11.37 4.45
CA PRO B 248 8.88 -12.04 3.72
C PRO B 248 9.88 -12.55 4.72
N ALA B 249 10.32 -13.80 4.58
CA ALA B 249 11.27 -14.39 5.53
C ALA B 249 12.53 -13.53 5.71
N THR B 250 13.09 -13.07 4.59
CA THR B 250 14.33 -12.27 4.62
C THR B 250 14.25 -11.09 3.64
N CYS B 251 15.32 -10.32 3.56
CA CYS B 251 15.39 -9.21 2.62
C CYS B 251 15.93 -9.69 1.28
N ASN B 252 16.10 -11.01 1.15
CA ASN B 252 16.24 -11.59 -0.18
C ASN B 252 15.12 -11.03 -1.06
N PRO B 253 15.49 -10.37 -2.15
CA PRO B 253 14.54 -9.71 -3.05
C PRO B 253 13.43 -10.65 -3.52
N LYS B 254 13.69 -11.94 -3.65
CA LYS B 254 12.66 -12.90 -4.05
C LYS B 254 11.60 -13.12 -2.98
N ASP B 255 12.03 -13.18 -1.72
CA ASP B 255 11.09 -13.29 -0.62
C ASP B 255 10.23 -12.06 -0.62
N ILE B 256 10.88 -10.90 -0.72
CA ILE B 256 10.18 -9.62 -0.80
C ILE B 256 9.10 -9.69 -1.87
N LEU B 257 9.47 -10.10 -3.08
CA LEU B 257 8.49 -10.15 -4.16
C LEU B 257 7.37 -11.15 -3.85
N MET B 258 7.75 -12.34 -3.38
CA MET B 258 6.78 -13.34 -2.95
C MET B 258 5.75 -12.79 -1.93
N ALA B 259 6.22 -12.03 -0.94
CA ALA B 259 5.34 -11.41 0.07
C ALA B 259 4.35 -10.42 -0.52
N GLN B 260 4.86 -9.50 -1.32
CA GLN B 260 4.02 -8.54 -2.04
C GLN B 260 2.96 -9.24 -2.92
N LYS B 261 3.37 -10.25 -3.71
CA LYS B 261 2.40 -10.90 -4.58
C LYS B 261 1.38 -11.76 -3.81
N ALA B 262 1.80 -12.31 -2.68
CA ALA B 262 0.87 -13.03 -1.82
C ALA B 262 -0.20 -12.10 -1.24
N MET B 263 0.23 -10.95 -0.70
CA MET B 263 -0.71 -9.96 -0.15
C MET B 263 -1.69 -9.50 -1.20
N GLN B 264 -1.16 -9.22 -2.39
CA GLN B 264 -1.98 -8.78 -3.52
C GLN B 264 -3.09 -9.80 -3.81
N LYS B 265 -2.74 -11.08 -3.71
CA LYS B 265 -3.66 -12.15 -4.05
C LYS B 265 -4.65 -12.42 -2.94
N ARG B 266 -4.20 -12.23 -1.71
CA ARG B 266 -5.04 -12.51 -0.56
C ARG B 266 -6.03 -11.36 -0.31
N TYR B 267 -5.71 -10.18 -0.80
CA TYR B 267 -6.47 -8.99 -0.42
C TYR B 267 -6.99 -8.15 -1.58
N TYR B 268 -7.05 -8.74 -2.77
CA TYR B 268 -7.67 -8.03 -3.89
C TYR B 268 -9.16 -7.76 -3.59
N PHE B 269 -9.81 -8.66 -2.83
CA PHE B 269 -11.19 -8.44 -2.39
C PHE B 269 -11.35 -7.06 -1.73
N ALA B 270 -10.38 -6.71 -0.89
CA ALA B 270 -10.40 -5.42 -0.20
C ALA B 270 -10.38 -4.27 -1.23
N ASP B 271 -9.43 -4.33 -2.17
CA ASP B 271 -9.35 -3.32 -3.22
C ASP B 271 -10.69 -3.12 -3.96
N VAL B 272 -11.38 -4.23 -4.23
CA VAL B 272 -12.69 -4.15 -4.86
C VAL B 272 -13.77 -3.53 -3.94
N HIS B 273 -13.89 -4.05 -2.71
CA HIS B 273 -14.75 -3.47 -1.68
C HIS B 273 -14.51 -1.98 -1.53
N VAL B 274 -13.27 -1.55 -1.73
CA VAL B 274 -12.89 -0.20 -1.33
C VAL B 274 -12.81 0.71 -2.53
N HIS B 275 -12.02 0.32 -3.54
CA HIS B 275 -11.82 1.17 -4.71
C HIS B 275 -12.96 1.05 -5.71
N GLY B 276 -13.64 -0.09 -5.69
CA GLY B 276 -14.75 -0.31 -6.59
C GLY B 276 -14.30 -0.92 -7.90
N PHE B 277 -13.04 -1.30 -7.98
CA PHE B 277 -12.56 -2.00 -9.18
C PHE B 277 -11.47 -3.01 -8.86
N TYR B 278 -11.40 -4.08 -9.65
CA TYR B 278 -10.33 -5.07 -9.55
C TYR B 278 -9.01 -4.45 -9.95
N PRO B 279 -7.94 -4.83 -9.24
CA PRO B 279 -6.61 -4.39 -9.66
C PRO B 279 -6.18 -5.17 -10.91
N GLU B 280 -5.29 -4.56 -11.68
CA GLU B 280 -4.91 -5.09 -12.97
C GLU B 280 -4.27 -6.48 -12.88
N HIS B 281 -3.56 -6.74 -11.78
CA HIS B 281 -2.76 -7.95 -11.67
C HIS B 281 -3.61 -9.23 -11.65
N ILE B 282 -4.85 -9.11 -11.18
CA ILE B 282 -5.79 -10.25 -11.16
C ILE B 282 -6.20 -10.68 -12.57
N PHE B 283 -6.51 -9.70 -13.42
CA PHE B 283 -6.86 -9.97 -14.80
C PHE B 283 -5.69 -10.62 -15.49
N LYS B 284 -4.48 -10.10 -15.24
CA LYS B 284 -3.28 -10.68 -15.85
C LYS B 284 -3.12 -12.12 -15.41
N TYR B 285 -3.53 -12.40 -14.17
CA TYR B 285 -3.38 -13.73 -13.59
C TYR B 285 -4.35 -14.65 -14.31
N TRP B 286 -5.60 -14.20 -14.40
CA TRP B 286 -6.64 -14.96 -15.05
C TRP B 286 -6.25 -15.34 -16.48
N GLU B 287 -5.66 -14.38 -17.22
CA GLU B 287 -5.27 -14.63 -18.60
C GLU B 287 -4.20 -15.71 -18.59
N ARG B 288 -3.23 -15.55 -17.69
CA ARG B 288 -2.13 -16.49 -17.58
CA ARG B 288 -2.13 -16.50 -17.60
C ARG B 288 -2.66 -17.91 -17.35
N LYS B 289 -3.67 -18.04 -16.51
CA LYS B 289 -4.20 -19.35 -16.13
C LYS B 289 -5.35 -19.82 -17.00
N ALA B 290 -5.78 -18.96 -17.92
CA ALA B 290 -6.95 -19.26 -18.77
C ALA B 290 -8.22 -19.35 -17.94
N ILE B 291 -8.24 -18.65 -16.82
CA ILE B 291 -9.44 -18.57 -16.01
C ILE B 291 -10.39 -17.54 -16.61
N LYS B 292 -11.55 -17.99 -17.08
CA LYS B 292 -12.57 -17.07 -17.55
C LYS B 292 -13.66 -16.82 -16.50
N VAL B 293 -14.00 -15.56 -16.30
CA VAL B 293 -15.01 -15.19 -15.32
C VAL B 293 -16.14 -14.44 -16.01
N ASP B 294 -17.37 -14.84 -15.73
CA ASP B 294 -18.55 -14.12 -16.17
C ASP B 294 -18.55 -12.78 -15.42
N PHE B 295 -18.23 -11.71 -16.16
CA PHE B 295 -18.01 -10.38 -15.59
C PHE B 295 -18.59 -9.32 -16.51
N THR B 296 -19.74 -8.78 -16.13
CA THR B 296 -20.51 -7.88 -16.99
C THR B 296 -20.25 -6.39 -16.75
N GLU B 297 -20.70 -5.58 -17.71
CA GLU B 297 -20.64 -4.12 -17.60
C GLU B 297 -21.45 -3.66 -16.38
N ARG B 298 -22.60 -4.29 -16.16
CA ARG B 298 -23.43 -3.97 -14.99
C ARG B 298 -22.70 -4.29 -13.69
N ASP B 299 -22.06 -5.45 -13.64
CA ASP B 299 -21.21 -5.80 -12.49
C ASP B 299 -20.25 -4.65 -12.23
N LYS B 300 -19.49 -4.30 -13.26
CA LYS B 300 -18.48 -3.25 -13.18
C LYS B 300 -19.07 -1.95 -12.62
N LYS B 301 -20.35 -1.74 -12.87
CA LYS B 301 -21.02 -0.53 -12.42
C LYS B 301 -21.45 -0.69 -10.97
N ASP B 302 -21.99 -1.85 -10.62
CA ASP B 302 -22.36 -2.14 -9.24
C ASP B 302 -21.15 -2.02 -8.35
N LEU B 303 -20.03 -2.60 -8.76
CA LEU B 303 -18.84 -2.58 -7.90
C LEU B 303 -18.40 -1.16 -7.62
N PHE B 304 -18.42 -0.31 -8.64
CA PHE B 304 -17.97 1.07 -8.48
C PHE B 304 -18.95 1.93 -7.65
N GLU B 305 -20.21 1.51 -7.59
CA GLU B 305 -21.22 2.29 -6.87
C GLU B 305 -21.53 1.74 -5.48
N GLY B 306 -20.97 0.58 -5.16
CA GLY B 306 -21.28 -0.12 -3.92
C GLY B 306 -20.12 -0.30 -2.96
N THR B 307 -19.13 0.59 -3.03
CA THR B 307 -17.98 0.55 -2.12
C THR B 307 -18.37 0.77 -0.65
N VAL B 308 -17.57 0.22 0.27
CA VAL B 308 -17.94 0.17 1.70
C VAL B 308 -17.59 1.43 2.50
N ASP B 309 -18.21 1.57 3.66
CA ASP B 309 -18.02 2.72 4.55
C ASP B 309 -16.79 2.57 5.45
N TYR B 310 -16.44 1.31 5.74
CA TYR B 310 -15.32 1.01 6.59
C TYR B 310 -14.92 -0.43 6.33
N ILE B 311 -13.71 -0.75 6.79
CA ILE B 311 -13.21 -2.11 6.76
C ILE B 311 -13.26 -2.74 8.14
N GLY B 312 -14.07 -3.78 8.27
CA GLY B 312 -14.00 -4.64 9.44
C GLY B 312 -13.07 -5.78 9.09
N PHE B 313 -12.30 -6.28 10.06
CA PHE B 313 -11.40 -7.40 9.80
C PHE B 313 -11.15 -8.26 11.02
N SER B 314 -10.86 -9.54 10.80
CA SER B 314 -10.37 -10.39 11.89
C SER B 314 -8.86 -10.37 11.89
N TYR B 315 -8.30 -10.57 13.07
CA TYR B 315 -6.87 -10.74 13.22
C TYR B 315 -6.61 -11.82 14.27
N TYR B 316 -5.80 -12.82 13.93
CA TYR B 316 -5.35 -13.81 14.92
C TYR B 316 -3.84 -14.04 14.89
N MET B 317 -3.25 -13.99 13.70
CA MET B 317 -1.86 -14.38 13.49
C MET B 317 -1.28 -13.68 12.27
N SER B 318 0.01 -13.86 12.07
CA SER B 318 0.63 -13.43 10.82
C SER B 318 1.37 -14.60 10.19
N PHE B 319 1.76 -14.45 8.93
CA PHE B 319 2.42 -15.53 8.20
C PHE B 319 3.81 -15.10 7.77
N VAL B 320 4.59 -16.06 7.27
CA VAL B 320 5.88 -15.79 6.66
C VAL B 320 6.01 -16.58 5.37
N ILE B 321 6.38 -15.90 4.30
CA ILE B 321 6.57 -16.56 3.01
C ILE B 321 8.01 -16.42 2.55
N ASP B 322 8.47 -17.38 1.76
CA ASP B 322 9.76 -17.22 1.10
C ASP B 322 9.70 -17.80 -0.31
N ALA B 323 10.80 -17.68 -1.05
CA ALA B 323 10.89 -18.16 -2.43
C ALA B 323 11.56 -19.51 -2.53
N HIS B 324 11.30 -20.41 -1.58
CA HIS B 324 12.01 -21.69 -1.59
C HIS B 324 11.55 -22.62 -2.72
N ARG B 325 10.26 -22.63 -3.02
CA ARG B 325 9.71 -23.51 -4.04
C ARG B 325 10.11 -23.06 -5.46
N GLU B 326 10.93 -23.87 -6.14
CA GLU B 326 11.21 -23.61 -7.55
C GLU B 326 10.06 -24.11 -8.40
N ASN B 327 10.18 -23.91 -9.71
CA ASN B 327 9.06 -24.18 -10.60
C ASN B 327 7.93 -23.24 -10.23
N ASN B 328 8.28 -22.05 -9.78
CA ASN B 328 7.31 -20.98 -9.57
C ASN B 328 7.79 -19.67 -10.23
N PRO B 329 8.01 -19.69 -11.57
CA PRO B 329 8.59 -18.56 -12.30
C PRO B 329 7.69 -17.31 -12.33
N TYR B 330 6.40 -17.49 -12.06
CA TYR B 330 5.47 -16.37 -12.06
C TYR B 330 5.19 -15.80 -10.66
N TYR B 331 5.74 -16.45 -9.65
CA TYR B 331 5.57 -16.03 -8.25
C TYR B 331 4.15 -16.19 -7.76
N ASP B 332 3.53 -17.30 -8.15
CA ASP B 332 2.22 -17.66 -7.62
C ASP B 332 2.27 -17.91 -6.12
N TYR B 333 1.15 -17.66 -5.45
CA TYR B 333 1.07 -17.87 -3.99
C TYR B 333 0.29 -19.15 -3.66
N LEU B 334 0.99 -20.12 -3.09
CA LEU B 334 0.35 -21.34 -2.62
C LEU B 334 0.30 -21.31 -1.11
N GLU B 335 -0.89 -21.05 -0.55
CA GLU B 335 -1.04 -20.91 0.89
C GLU B 335 -0.55 -22.17 1.60
N THR B 336 -0.80 -23.33 1.00
CA THR B 336 -0.44 -24.61 1.59
C THR B 336 1.02 -25.04 1.35
N GLU B 337 1.84 -24.19 0.74
CA GLU B 337 3.17 -24.62 0.34
C GLU B 337 4.28 -23.59 0.51
N ASP B 338 3.94 -22.31 0.37
CA ASP B 338 4.95 -21.24 0.39
C ASP B 338 5.24 -20.64 1.77
N LEU B 339 4.39 -20.98 2.74
CA LEU B 339 4.47 -20.41 4.07
C LEU B 339 5.44 -21.15 4.96
N VAL B 340 6.31 -20.41 5.61
CA VAL B 340 7.25 -21.01 6.55
C VAL B 340 6.99 -20.48 7.98
N LYS B 341 7.69 -21.06 8.96
CA LYS B 341 7.55 -20.68 10.37
C LYS B 341 8.37 -19.45 10.77
N ASN B 342 7.73 -18.51 11.48
CA ASN B 342 8.42 -17.34 12.04
C ASN B 342 9.21 -17.74 13.29
N PRO B 343 10.54 -17.62 13.23
CA PRO B 343 11.39 -18.02 14.35
C PRO B 343 11.33 -17.03 15.53
N TYR B 344 10.67 -15.90 15.33
CA TYR B 344 10.70 -14.82 16.31
C TYR B 344 9.44 -14.71 17.18
N VAL B 345 8.52 -15.67 17.06
CA VAL B 345 7.27 -15.58 17.80
C VAL B 345 6.83 -16.94 18.33
N LYS B 346 5.93 -16.91 19.30
CA LYS B 346 5.37 -18.10 19.90
C LYS B 346 4.07 -18.46 19.18
N ALA B 347 3.40 -19.53 19.60
CA ALA B 347 2.16 -19.95 18.96
C ALA B 347 1.18 -20.66 19.91
N SER B 348 -0.06 -20.80 19.47
CA SER B 348 -1.07 -21.55 20.23
C SER B 348 -0.86 -23.05 20.08
N ASP B 349 -1.60 -23.84 20.85
CA ASP B 349 -1.49 -25.29 20.77
C ASP B 349 -2.14 -25.77 19.49
N TRP B 350 -2.64 -24.82 18.71
CA TRP B 350 -3.19 -25.10 17.39
C TRP B 350 -2.27 -24.52 16.34
N ASP B 351 -1.19 -23.90 16.81
CA ASP B 351 -0.10 -23.40 15.97
C ASP B 351 -0.40 -22.09 15.25
N TRP B 352 -1.35 -21.33 15.79
CA TRP B 352 -1.58 -19.97 15.30
C TRP B 352 -0.56 -19.05 15.96
N GLN B 353 0.44 -18.66 15.18
CA GLN B 353 1.50 -17.82 15.70
C GLN B 353 0.89 -16.62 16.39
N ILE B 354 1.53 -16.19 17.47
CA ILE B 354 1.08 -15.04 18.24
C ILE B 354 1.93 -13.84 17.88
N ASP B 355 1.33 -12.84 17.23
CA ASP B 355 2.07 -11.68 16.79
C ASP B 355 1.23 -10.41 16.92
N PRO B 356 1.08 -9.91 18.15
CA PRO B 356 0.28 -8.71 18.43
C PRO B 356 0.84 -7.51 17.67
N GLN B 357 2.15 -7.45 17.52
CA GLN B 357 2.79 -6.41 16.72
C GLN B 357 2.26 -6.40 15.27
N GLY B 358 1.81 -7.55 14.79
CA GLY B 358 1.26 -7.61 13.44
C GLY B 358 -0.09 -6.92 13.34
N LEU B 359 -0.76 -6.76 14.47
CA LEU B 359 -2.04 -6.04 14.46
C LEU B 359 -1.80 -4.60 14.03
N ARG B 360 -0.70 -4.03 14.51
CA ARG B 360 -0.30 -2.66 14.17
C ARG B 360 0.12 -2.54 12.71
N TYR B 361 0.85 -3.54 12.20
CA TYR B 361 1.17 -3.59 10.78
C TYR B 361 -0.11 -3.56 9.99
N ALA B 362 -0.99 -4.52 10.28
CA ALA B 362 -2.28 -4.61 9.62
C ALA B 362 -3.01 -3.26 9.61
N LEU B 363 -3.16 -2.66 10.77
CA LEU B 363 -3.92 -1.41 10.86
C LEU B 363 -3.30 -0.30 10.01
N ASN B 364 -1.98 -0.19 10.07
CA ASN B 364 -1.24 0.73 9.24
C ASN B 364 -1.38 0.42 7.77
N TRP B 365 -1.35 -0.86 7.44
CA TRP B 365 -1.44 -1.28 6.04
C TRP B 365 -2.80 -0.92 5.42
N PHE B 366 -3.87 -1.28 6.12
CA PHE B 366 -5.22 -0.92 5.68
C PHE B 366 -5.31 0.60 5.54
N THR B 367 -4.74 1.32 6.49
CA THR B 367 -4.81 2.77 6.48
C THR B 367 -4.05 3.35 5.29
N ASP B 368 -2.86 2.82 5.05
CA ASP B 368 -2.04 3.31 3.96
C ASP B 368 -2.64 3.03 2.59
N MET B 369 -3.19 1.82 2.42
CA MET B 369 -3.83 1.46 1.16
C MET B 369 -5.17 2.21 0.93
N TYR B 370 -5.98 2.28 1.99
CA TYR B 370 -7.40 2.55 1.80
C TYR B 370 -7.96 3.82 2.44
N HIS B 371 -7.35 4.28 3.53
CA HIS B 371 -7.77 5.52 4.17
C HIS B 371 -9.25 5.50 4.48
N LEU B 372 -9.68 4.43 5.13
CA LEU B 372 -11.03 4.29 5.61
C LEU B 372 -10.96 3.95 7.07
N PRO B 373 -12.07 4.15 7.78
CA PRO B 373 -12.16 3.78 9.19
C PRO B 373 -12.08 2.27 9.25
N LEU B 374 -11.60 1.76 10.37
CA LEU B 374 -11.30 0.35 10.53
C LEU B 374 -12.01 -0.19 11.75
N PHE B 375 -12.29 -1.48 11.76
CA PHE B 375 -13.03 -2.06 12.85
C PHE B 375 -12.56 -3.49 13.11
N ILE B 376 -11.92 -3.73 14.25
CA ILE B 376 -11.45 -5.08 14.57
C ILE B 376 -12.61 -5.86 15.14
N VAL B 377 -13.23 -6.68 14.28
CA VAL B 377 -14.49 -7.31 14.64
C VAL B 377 -14.25 -8.75 15.08
N GLN B 378 -13.00 -9.17 14.99
CA GLN B 378 -12.62 -10.45 15.54
C GLN B 378 -11.14 -10.41 15.95
N ASN B 379 -10.90 -10.75 17.21
CA ASN B 379 -9.55 -11.01 17.71
C ASN B 379 -9.75 -11.87 18.93
N GLY B 380 -8.98 -12.95 19.05
CA GLY B 380 -9.13 -13.82 20.20
C GLY B 380 -8.10 -14.93 20.34
N PHE B 381 -8.19 -15.65 21.44
CA PHE B 381 -7.22 -16.70 21.73
C PHE B 381 -7.86 -18.02 22.14
N GLY B 382 -7.85 -18.98 21.22
CA GLY B 382 -8.41 -20.29 21.45
C GLY B 382 -7.46 -21.19 22.20
N ALA B 383 -7.86 -21.64 23.38
CA ALA B 383 -6.99 -22.47 24.21
C ALA B 383 -7.76 -23.46 25.07
N ILE B 384 -7.05 -24.47 25.57
CA ILE B 384 -7.65 -25.40 26.53
C ILE B 384 -7.87 -24.68 27.84
N ASP B 385 -9.08 -24.77 28.39
CA ASP B 385 -9.41 -24.15 29.68
C ASP B 385 -9.66 -25.22 30.71
N GLN B 386 -9.17 -25.02 31.94
CA GLN B 386 -9.52 -25.89 33.06
C GLN B 386 -10.22 -25.12 34.17
N VAL B 387 -11.05 -25.83 34.95
CA VAL B 387 -11.74 -25.21 36.05
C VAL B 387 -11.01 -25.50 37.36
N GLU B 388 -10.62 -24.43 38.06
CA GLU B 388 -10.03 -24.58 39.40
C GLU B 388 -11.11 -24.89 40.44
N ALA B 389 -10.74 -25.60 41.50
CA ALA B 389 -11.68 -25.93 42.57
C ALA B 389 -12.53 -24.72 42.98
N ASP B 390 -11.95 -23.54 42.92
CA ASP B 390 -12.69 -22.32 43.26
C ASP B 390 -13.86 -22.10 42.29
N GLY B 391 -13.90 -22.88 41.22
CA GLY B 391 -15.04 -22.89 40.33
C GLY B 391 -14.91 -21.99 39.11
N MET B 392 -13.73 -21.40 38.94
CA MET B 392 -13.53 -20.46 37.86
C MET B 392 -12.32 -20.81 37.02
N VAL B 393 -12.40 -20.54 35.72
CA VAL B 393 -11.28 -20.74 34.85
C VAL B 393 -10.33 -19.58 35.04
N HIS B 394 -9.06 -19.88 35.34
CA HIS B 394 -8.06 -18.84 35.43
C HIS B 394 -7.29 -18.77 34.11
N ASP B 395 -7.83 -17.98 33.18
CA ASP B 395 -7.29 -17.93 31.82
C ASP B 395 -6.35 -16.75 31.57
N ASP B 396 -5.33 -16.62 32.41
CA ASP B 396 -4.33 -15.57 32.22
C ASP B 396 -3.63 -15.62 30.85
N TYR B 397 -3.57 -16.80 30.24
CA TYR B 397 -2.99 -16.96 28.90
C TYR B 397 -3.86 -16.25 27.86
N ARG B 398 -5.15 -16.18 28.14
CA ARG B 398 -6.10 -15.53 27.25
C ARG B 398 -6.04 -14.03 27.46
N ILE B 399 -5.96 -13.64 28.72
CA ILE B 399 -5.81 -12.26 29.12
C ILE B 399 -4.52 -11.67 28.55
N ASP B 400 -3.42 -12.40 28.70
CA ASP B 400 -2.15 -11.93 28.16
C ASP B 400 -2.24 -11.65 26.68
N TYR B 401 -2.84 -12.57 25.93
CA TYR B 401 -2.98 -12.44 24.48
C TYR B 401 -3.84 -11.23 24.06
N LEU B 402 -5.08 -11.20 24.54
CA LEU B 402 -5.94 -10.07 24.29
C LEU B 402 -5.25 -8.79 24.72
N GLY B 403 -4.72 -8.80 25.93
CA GLY B 403 -3.99 -7.65 26.44
C GLY B 403 -2.93 -7.11 25.48
N ALA B 404 -2.07 -7.99 24.95
CA ALA B 404 -0.95 -7.53 24.15
C ALA B 404 -1.41 -6.89 22.86
N HIS B 405 -2.51 -7.42 22.34
CA HIS B 405 -3.11 -6.90 21.13
C HIS B 405 -3.73 -5.50 21.33
N ILE B 406 -4.57 -5.37 22.36
CA ILE B 406 -5.08 -4.07 22.76
C ILE B 406 -3.99 -3.02 22.85
N LYS B 407 -2.89 -3.36 23.52
CA LYS B 407 -1.76 -2.44 23.63
C LYS B 407 -1.24 -1.98 22.26
N GLU B 408 -1.32 -2.86 21.27
CA GLU B 408 -0.82 -2.53 19.92
C GLU B 408 -1.82 -1.71 19.11
N MET B 409 -3.11 -1.98 19.32
CA MET B 409 -4.11 -1.25 18.57
C MET B 409 -4.13 0.19 19.07
N ILE B 410 -3.84 0.35 20.36
CA ILE B 410 -3.72 1.65 20.99
C ILE B 410 -2.53 2.46 20.48
N LYS B 411 -1.38 1.81 20.37
CA LYS B 411 -0.25 2.44 19.70
C LYS B 411 -0.60 2.92 18.29
N ALA B 412 -1.35 2.12 17.54
CA ALA B 412 -1.69 2.48 16.16
C ALA B 412 -2.57 3.71 16.08
N VAL B 413 -3.54 3.79 16.98
CA VAL B 413 -4.38 4.98 17.08
C VAL B 413 -3.60 6.22 17.53
N ASP B 414 -2.81 6.06 18.58
CA ASP B 414 -2.23 7.19 19.30
C ASP B 414 -0.91 7.68 18.72
N GLU B 415 -0.10 6.76 18.21
CA GLU B 415 1.18 7.13 17.63
C GLU B 415 1.09 7.21 16.12
N ASP B 416 0.23 6.36 15.52
CA ASP B 416 0.16 6.24 14.06
C ASP B 416 -1.03 7.03 13.48
N GLY B 417 -2.12 7.11 14.21
CA GLY B 417 -3.21 7.99 13.81
C GLY B 417 -4.30 7.32 12.97
N VAL B 418 -4.38 6.00 13.03
CA VAL B 418 -5.39 5.27 12.28
C VAL B 418 -6.75 5.52 12.89
N GLU B 419 -7.80 5.51 12.07
CA GLU B 419 -9.16 5.65 12.60
C GLU B 419 -9.77 4.28 12.84
N LEU B 420 -10.00 3.97 14.08
CA LEU B 420 -10.46 2.65 14.47
C LEU B 420 -11.76 2.79 15.23
N MET B 421 -12.82 2.27 14.63
CA MET B 421 -14.16 2.36 15.20
C MET B 421 -14.30 1.66 16.55
N GLY B 422 -13.59 0.56 16.74
CA GLY B 422 -13.82 -0.26 17.92
C GLY B 422 -13.05 -1.57 17.91
N TYR B 423 -13.35 -2.42 18.87
CA TYR B 423 -12.59 -3.65 19.06
C TYR B 423 -13.53 -4.69 19.62
N THR B 424 -13.65 -5.81 18.92
CA THR B 424 -14.60 -6.84 19.32
C THR B 424 -13.86 -8.18 19.44
N PRO B 425 -13.51 -8.59 20.67
CA PRO B 425 -12.94 -9.92 20.86
C PRO B 425 -13.85 -11.02 20.34
N TRP B 426 -13.25 -12.09 19.85
CA TRP B 426 -14.00 -13.14 19.21
C TRP B 426 -14.42 -14.25 20.17
N GLY B 427 -15.60 -14.81 19.93
CA GLY B 427 -16.12 -15.91 20.72
C GLY B 427 -16.32 -15.57 22.18
N CYS B 428 -16.64 -14.31 22.45
CA CYS B 428 -16.76 -13.77 23.82
C CYS B 428 -17.51 -14.69 24.80
N ILE B 429 -18.33 -15.59 24.27
CA ILE B 429 -18.87 -16.68 25.08
C ILE B 429 -18.48 -18.01 24.44
N ASP B 430 -18.01 -18.95 25.24
CA ASP B 430 -17.54 -20.23 24.73
C ASP B 430 -18.49 -20.76 23.65
N LEU B 431 -17.96 -21.10 22.48
CA LEU B 431 -18.77 -21.62 21.37
C LEU B 431 -18.06 -22.63 20.44
N VAL B 432 -18.85 -23.27 19.60
CA VAL B 432 -18.37 -24.26 18.64
C VAL B 432 -17.40 -23.65 17.64
N SER B 433 -16.16 -24.12 17.62
CA SER B 433 -15.14 -23.51 16.76
C SER B 433 -15.39 -23.79 15.29
N ALA B 434 -15.21 -22.76 14.46
CA ALA B 434 -15.40 -22.88 13.03
C ALA B 434 -14.50 -23.95 12.43
N GLY B 435 -13.18 -23.73 12.53
CA GLY B 435 -12.21 -24.59 11.87
C GLY B 435 -12.27 -26.07 12.21
N THR B 436 -12.75 -26.38 13.41
CA THR B 436 -12.64 -27.73 13.92
C THR B 436 -13.94 -28.28 14.50
N GLY B 437 -14.89 -27.39 14.76
CA GLY B 437 -16.14 -27.81 15.39
C GLY B 437 -15.87 -28.29 16.81
N GLU B 438 -14.84 -27.72 17.42
CA GLU B 438 -14.38 -28.10 18.75
C GLU B 438 -14.97 -27.19 19.84
N MET B 439 -15.37 -27.77 20.96
CA MET B 439 -15.71 -26.98 22.13
C MET B 439 -14.43 -26.68 22.90
N ARG B 440 -13.55 -27.69 22.98
CA ARG B 440 -12.30 -27.64 23.77
C ARG B 440 -11.38 -26.48 23.38
N LYS B 441 -11.50 -26.03 22.14
CA LYS B 441 -10.84 -24.80 21.71
C LYS B 441 -11.69 -23.58 22.11
N ARG B 442 -11.48 -23.11 23.34
CA ARG B 442 -12.32 -22.07 23.90
C ARG B 442 -11.73 -20.67 23.74
N TYR B 443 -12.62 -19.69 23.56
CA TYR B 443 -12.25 -18.31 23.28
C TYR B 443 -12.87 -17.30 24.26
N GLY B 444 -13.86 -17.75 25.04
CA GLY B 444 -14.72 -16.84 25.77
C GLY B 444 -14.24 -16.21 27.07
N PHE B 445 -14.86 -15.09 27.43
CA PHE B 445 -14.74 -14.54 28.78
C PHE B 445 -15.70 -15.30 29.70
N ILE B 446 -16.57 -16.10 29.08
CA ILE B 446 -17.60 -16.84 29.78
C ILE B 446 -17.50 -18.32 29.43
N TYR B 447 -17.46 -19.16 30.46
CA TYR B 447 -17.28 -20.58 30.29
C TYR B 447 -18.64 -21.28 30.13
N VAL B 448 -18.78 -22.12 29.11
CA VAL B 448 -20.00 -22.91 28.96
C VAL B 448 -19.72 -24.39 29.18
N ASP B 449 -20.49 -25.00 30.08
CA ASP B 449 -20.32 -26.41 30.43
C ASP B 449 -20.80 -27.37 29.34
N LYS B 450 -19.89 -27.68 28.42
CA LYS B 450 -20.18 -28.58 27.32
C LYS B 450 -18.89 -28.97 26.61
N ASP B 451 -18.74 -30.27 26.32
CA ASP B 451 -17.52 -30.78 25.72
C ASP B 451 -17.67 -31.22 24.26
N ASP B 452 -16.60 -31.84 23.74
CA ASP B 452 -16.52 -32.23 22.33
C ASP B 452 -17.22 -33.55 22.06
N GLU B 453 -18.00 -34.01 23.04
CA GLU B 453 -18.91 -35.12 22.86
C GLU B 453 -20.33 -34.62 23.10
N GLY B 454 -20.45 -33.31 23.28
CA GLY B 454 -21.74 -32.67 23.54
C GLY B 454 -22.38 -33.04 24.87
N LYS B 455 -21.59 -33.24 25.91
CA LYS B 455 -22.13 -33.49 27.25
C LYS B 455 -21.78 -32.34 28.20
N GLY B 456 -22.71 -32.01 29.09
CA GLY B 456 -22.54 -30.90 30.00
C GLY B 456 -23.85 -30.20 30.34
N THR B 457 -23.87 -29.46 31.44
CA THR B 457 -25.07 -28.77 31.87
C THR B 457 -25.37 -27.57 30.99
N LEU B 458 -24.35 -27.13 30.25
CA LEU B 458 -24.44 -25.89 29.47
C LEU B 458 -24.47 -24.65 30.35
N LYS B 459 -24.41 -24.85 31.67
CA LYS B 459 -24.43 -23.71 32.58
C LYS B 459 -23.31 -22.76 32.19
N ARG B 460 -23.54 -21.47 32.39
CA ARG B 460 -22.50 -20.51 32.11
C ARG B 460 -21.89 -19.98 33.41
N SER B 461 -20.60 -19.70 33.37
CA SER B 461 -19.95 -19.02 34.46
C SER B 461 -18.82 -18.17 33.88
N PRO B 462 -18.51 -17.05 34.56
CA PRO B 462 -17.51 -16.11 34.05
C PRO B 462 -16.11 -16.70 34.20
N LYS B 463 -15.19 -16.28 33.35
CA LYS B 463 -13.79 -16.63 33.55
C LYS B 463 -13.04 -15.48 34.24
N LEU B 464 -11.82 -15.76 34.65
CA LEU B 464 -10.94 -14.74 35.19
C LEU B 464 -10.90 -13.47 34.31
N SER B 465 -10.97 -13.69 32.99
CA SER B 465 -10.84 -12.62 32.00
C SER B 465 -12.10 -11.75 31.89
N PHE B 466 -13.20 -12.30 32.36
CA PHE B 466 -14.48 -11.61 32.43
C PHE B 466 -14.29 -10.25 33.13
N ASN B 467 -13.91 -10.28 34.41
CA ASN B 467 -13.68 -9.07 35.18
C ASN B 467 -12.55 -8.21 34.63
N TRP B 468 -11.53 -8.86 34.12
CA TRP B 468 -10.44 -8.14 33.48
C TRP B 468 -10.97 -7.28 32.32
N TYR B 469 -11.71 -7.91 31.41
CA TYR B 469 -12.25 -7.20 30.26
C TYR B 469 -13.19 -6.09 30.70
N LYS B 470 -14.00 -6.37 31.71
CA LYS B 470 -14.87 -5.38 32.32
C LYS B 470 -14.10 -4.13 32.71
N GLU B 471 -12.93 -4.31 33.32
CA GLU B 471 -12.14 -3.18 33.74
C GLU B 471 -11.51 -2.47 32.54
N VAL B 472 -11.21 -3.23 31.50
CA VAL B 472 -10.68 -2.65 30.29
C VAL B 472 -11.65 -1.63 29.73
N ILE B 473 -12.88 -2.08 29.49
CA ILE B 473 -13.90 -1.21 28.90
C ILE B 473 -14.13 0.00 29.78
N ALA B 474 -14.32 -0.24 31.08
CA ALA B 474 -14.62 0.83 32.01
C ALA B 474 -13.48 1.84 32.03
N SER B 475 -12.26 1.35 31.86
CA SER B 475 -11.11 2.25 31.83
C SER B 475 -10.84 2.76 30.41
N ASN B 476 -11.69 2.36 29.46
CA ASN B 476 -11.54 2.73 28.04
C ASN B 476 -10.16 2.41 27.46
N GLY B 477 -9.58 1.30 27.88
CA GLY B 477 -8.25 0.94 27.47
C GLY B 477 -7.09 1.38 28.35
N ASP B 478 -7.32 2.32 29.28
CA ASP B 478 -6.24 2.78 30.15
C ASP B 478 -5.78 1.72 31.16
N ASP B 479 -6.62 0.70 31.38
CA ASP B 479 -6.33 -0.36 32.35
C ASP B 479 -6.20 -1.74 31.69
N ILE B 480 -4.96 -2.12 31.36
CA ILE B 480 -4.66 -3.45 30.82
C ILE B 480 -3.96 -4.35 31.85
C2 BGC C . 21.79 10.04 -3.29
C3 BGC C . 21.04 9.21 -4.10
C4 BGC C . 20.28 9.98 -5.07
C5 BGC C . 21.21 10.80 -5.89
C6 BGC C . 20.42 11.52 -6.94
C1 BGC C . 22.66 11.03 -4.10
O1 BGC C . 23.22 11.96 -3.26
O2 BGC C . 22.61 9.24 -2.41
O3 BGC C . 20.10 8.40 -3.26
O4 BGC C . 19.54 9.12 -5.89
O5 BGC C . 21.95 11.70 -5.11
O6 BGC C . 19.85 10.68 -7.89
C1 BG6 C . 19.55 11.12 -9.18
C2 BG6 C . 19.66 12.62 -9.30
O5 BG6 C . 20.35 10.44 -10.12
C3 BG6 C . 20.56 13.00 -10.31
O2 BG6 C . 18.36 13.14 -9.58
C4 BG6 C . 21.82 12.37 -10.11
O3 BG6 C . 20.66 14.46 -10.36
C5 BG6 C . 21.70 10.87 -10.13
O4 BG6 C . 22.80 12.76 -11.10
C6 BG6 C . 22.41 10.27 -8.95
O6 BG6 C . 23.68 9.73 -9.11
P BG6 C . 24.95 10.66 -8.98
O1P BG6 C . 26.16 9.79 -9.09
O2P BG6 C . 24.95 11.35 -7.62
O3P BG6 C . 24.94 11.68 -10.11
C2 BGC D . -8.18 -19.31 8.81
C3 BGC D . -8.36 -17.94 8.97
C4 BGC D . -9.58 -17.64 9.72
C5 BGC D . -9.74 -18.66 10.80
C6 BGC D . -10.76 -18.19 11.79
C1 BGC D . -9.45 -20.18 9.06
O1 BGC D . -10.35 -20.01 8.04
O2 BGC D . -7.11 -19.75 9.67
O3 BGC D . -8.36 -17.24 7.65
O4 BGC D . -9.51 -16.35 10.28
O5 BGC D . -10.09 -19.92 10.29
O6 BGC D . -12.02 -17.83 11.33
C1 BG6 D . -12.72 -16.83 12.01
C2 BG6 D . -14.22 -17.02 11.81
O5 BG6 D . -12.28 -16.77 13.36
C3 BG6 D . -14.86 -17.60 12.94
O2 BG6 D . -14.82 -15.78 11.46
C4 BG6 D . -13.97 -18.48 13.61
O3 BG6 D . -16.09 -18.27 12.50
C5 BG6 D . -12.85 -17.70 14.24
O4 BG6 D . -14.63 -19.25 14.65
C6 BG6 D . -11.81 -18.66 14.75
O6 BG6 D . -11.67 -19.88 14.07
P BG6 D . -11.63 -21.23 14.87
O1P BG6 D . -10.55 -21.12 15.92
O2P BG6 D . -12.98 -21.48 15.55
O3P BG6 D . -11.30 -22.38 13.91
C TRS E . -4.11 21.40 10.05
C1 TRS E . -3.29 22.05 11.17
C2 TRS E . -5.04 22.43 9.43
C3 TRS E . -4.91 20.22 10.61
N TRS E . -3.19 20.90 9.03
O1 TRS E . -2.50 21.06 11.81
O2 TRS E . -4.32 23.27 8.56
O3 TRS E . -5.53 19.50 9.56
C1 GOL F . -14.89 -5.97 -17.26
O1 GOL F . -13.50 -6.18 -17.46
C2 GOL F . -15.70 -6.25 -18.52
O2 GOL F . -15.90 -7.64 -18.66
C3 GOL F . -17.05 -5.55 -18.45
O3 GOL F . -17.26 -4.72 -19.58
#